data_6WN4
#
_entry.id   6WN4
#
_cell.length_a   51.624
_cell.length_b   67.745
_cell.length_c   130.073
_cell.angle_alpha   90.000
_cell.angle_beta   94.369
_cell.angle_gamma   90.000
#
_symmetry.space_group_name_H-M   'P 1 21 1'
#
loop_
_entity.id
_entity.type
_entity.pdbx_description
1 polymer '5D2 FAB HEAVY CHAIN'
2 polymer '5D2 FAB LIGHT CHAIN'
3 polymer 'Lipoprotein lipase peptide'
4 water water
#
loop_
_entity_poly.entity_id
_entity_poly.type
_entity_poly.pdbx_seq_one_letter_code
_entity_poly.pdbx_strand_id
1 'polypeptide(L)'
;SKVQLQQSGAELVKPGASVKLSCKASGYTFTEYIIHWVKQKSGQGLEWIGWFYPGSGNIKYNEKFKDKATLTADKSSSTV
YMELSRLTSEDSAVYFCARHEDRNYYSYWDYWGQGTTLTVSSAKTTPPSVYPLAPGSAAQTNSMVTLGCLVKGYFPEPVT
VTWNSGSLSSGVHTFPAVLQSDLYTLSSSVTVPSSTWPSETVTCNVAHPASSTKVDKKIVPR
;
A,H
2 'polypeptide(L)'
;GQIVLTQSPALMSASPGEKVTMTCSASSSVSNMYWYQQKPRSSPKPWIYLTSNLASGVPARFSGSGSGTSYSLTISSMEA
EDAATYYCQQWSSNPLTFGAGTKLELKRADAAPTVSIFPPSSEQLTSGGASVVCFLNNFYPKDINVKWKIDGSERQNGVL
NSWTDQDSKDSTYSMSSTLTLTKDEYERHNSYTCEATHKTSTSPIVKSFNRNEC
;
B,L
3 'polypeptide(L)' KSDSYFSWSDWWSS C,D
#
# COMPACT_ATOMS: atom_id res chain seq x y z
N LYS A 2 17.89 18.52 -19.12
CA LYS A 2 16.98 18.51 -17.93
C LYS A 2 17.67 19.25 -16.76
N VAL A 3 17.05 20.34 -16.29
CA VAL A 3 17.46 21.09 -15.07
C VAL A 3 16.93 20.30 -13.87
N GLN A 4 17.78 20.06 -12.86
CA GLN A 4 17.44 19.27 -11.66
C GLN A 4 18.23 19.75 -10.44
N LEU A 5 17.56 19.88 -9.30
CA LEU A 5 18.17 20.14 -7.96
C LEU A 5 17.87 18.94 -7.06
N GLN A 6 18.85 18.06 -6.85
CA GLN A 6 18.72 16.83 -6.03
C GLN A 6 19.21 17.13 -4.61
N GLN A 7 18.32 17.04 -3.62
CA GLN A 7 18.63 17.29 -2.18
C GLN A 7 18.97 15.98 -1.47
N SER A 8 19.65 16.07 -0.34
CA SER A 8 20.06 14.96 0.54
C SER A 8 18.84 14.31 1.20
N GLY A 9 18.99 13.06 1.67
CA GLY A 9 17.92 12.25 2.28
C GLY A 9 17.57 12.73 3.68
N ALA A 10 16.52 12.16 4.28
CA ALA A 10 15.98 12.54 5.60
C ALA A 10 17.07 12.33 6.67
N GLU A 11 16.97 13.05 7.78
CA GLU A 11 17.97 13.08 8.87
C GLU A 11 17.26 13.12 10.23
N LEU A 12 17.64 12.21 11.13
CA LEU A 12 17.22 12.18 12.56
C LEU A 12 18.42 12.54 13.42
N VAL A 13 18.30 13.59 14.25
CA VAL A 13 19.44 14.16 15.04
C VAL A 13 18.97 14.45 16.46
N LYS A 14 19.85 14.23 17.44
CA LYS A 14 19.64 14.52 18.89
C LYS A 14 19.56 16.04 19.08
N PRO A 15 18.78 16.55 20.06
CA PRO A 15 18.77 17.98 20.37
C PRO A 15 20.19 18.46 20.72
N GLY A 16 20.57 19.64 20.21
CA GLY A 16 21.84 20.31 20.52
C GLY A 16 22.92 20.07 19.48
N ALA A 17 22.80 18.97 18.70
CA ALA A 17 23.74 18.59 17.62
C ALA A 17 23.57 19.52 16.41
N SER A 18 24.41 19.31 15.38
CA SER A 18 24.35 20.01 14.07
C SER A 18 24.07 18.99 12.96
N VAL A 19 23.61 19.48 11.82
CA VAL A 19 23.35 18.69 10.57
C VAL A 19 23.70 19.58 9.37
N LYS A 20 24.13 18.96 8.27
CA LYS A 20 24.51 19.67 7.02
C LYS A 20 23.68 19.12 5.85
N LEU A 21 22.64 19.85 5.46
CA LEU A 21 21.80 19.56 4.26
C LEU A 21 22.59 19.99 3.02
N SER A 22 22.38 19.31 1.89
CA SER A 22 23.02 19.62 0.59
C SER A 22 21.95 19.76 -0.49
N CYS A 23 22.27 20.54 -1.53
CA CYS A 23 21.45 20.77 -2.75
C CYS A 23 22.37 20.67 -3.97
N LYS A 24 22.35 19.52 -4.64
CA LYS A 24 23.20 19.22 -5.84
C LYS A 24 22.44 19.66 -7.10
N ALA A 25 23.05 20.54 -7.89
CA ALA A 25 22.46 21.13 -9.12
C ALA A 25 23.06 20.44 -10.35
N SER A 26 22.29 20.39 -11.43
CA SER A 26 22.72 19.89 -12.77
C SER A 26 21.79 20.44 -13.84
N GLY A 27 22.23 20.44 -15.10
CA GLY A 27 21.38 20.80 -16.25
C GLY A 27 21.53 22.27 -16.64
N TYR A 28 22.44 23.00 -15.98
CA TYR A 28 22.62 24.47 -16.17
C TYR A 28 23.97 24.92 -15.60
N THR A 29 24.41 26.12 -15.98
CA THR A 29 25.66 26.77 -15.51
C THR A 29 25.47 27.18 -14.05
N PHE A 30 26.16 26.49 -13.13
CA PHE A 30 26.01 26.58 -11.66
C PHE A 30 26.17 28.04 -11.17
N THR A 31 27.06 28.80 -11.81
CA THR A 31 27.50 30.16 -11.38
C THR A 31 26.51 31.24 -11.82
N GLU A 32 25.49 30.92 -12.62
CA GLU A 32 24.52 31.89 -13.20
C GLU A 32 23.27 32.02 -12.34
N TYR A 33 23.07 31.15 -11.33
CA TYR A 33 21.83 31.06 -10.53
C TYR A 33 22.11 31.12 -9.03
N ILE A 34 21.34 31.95 -8.32
CA ILE A 34 21.24 32.00 -6.84
C ILE A 34 20.51 30.73 -6.36
N ILE A 35 20.87 30.21 -5.18
CA ILE A 35 20.18 29.07 -4.52
C ILE A 35 19.57 29.58 -3.20
N HIS A 36 18.25 29.77 -3.17
CA HIS A 36 17.48 30.12 -1.95
C HIS A 36 17.19 28.85 -1.14
N TRP A 37 17.12 28.97 0.18
CA TRP A 37 16.68 27.89 1.11
C TRP A 37 15.39 28.32 1.81
N VAL A 38 14.42 27.40 1.92
CA VAL A 38 13.05 27.66 2.46
C VAL A 38 12.70 26.55 3.48
N LYS A 39 11.99 26.92 4.55
CA LYS A 39 11.57 26.01 5.65
C LYS A 39 10.05 25.85 5.64
N GLN A 40 9.56 24.64 5.86
CA GLN A 40 8.12 24.30 5.98
C GLN A 40 7.93 23.20 7.02
N LYS A 41 7.22 23.51 8.11
CA LYS A 41 6.84 22.53 9.17
C LYS A 41 5.47 21.93 8.82
N SER A 42 5.33 20.60 8.86
CA SER A 42 4.04 19.85 8.76
C SER A 42 3.10 20.44 7.71
N GLY A 43 3.52 20.48 6.44
CA GLY A 43 2.77 21.05 5.29
C GLY A 43 2.13 22.40 5.58
N GLN A 44 2.79 23.27 6.35
CA GLN A 44 2.28 24.62 6.75
C GLN A 44 2.76 25.65 5.71
N GLY A 45 2.82 26.93 6.10
CA GLY A 45 3.38 28.03 5.30
C GLY A 45 4.88 27.88 5.09
N LEU A 46 5.41 28.62 4.11
CA LEU A 46 6.84 28.63 3.72
C LEU A 46 7.53 29.80 4.45
N GLU A 47 8.83 29.67 4.70
CA GLU A 47 9.67 30.70 5.38
C GLU A 47 11.04 30.74 4.73
N TRP A 48 11.46 31.89 4.22
CA TRP A 48 12.78 32.11 3.59
C TRP A 48 13.87 32.13 4.66
N ILE A 49 14.94 31.34 4.48
CA ILE A 49 16.10 31.25 5.41
C ILE A 49 17.20 32.22 4.92
N GLY A 50 17.67 32.03 3.69
CA GLY A 50 18.77 32.80 3.09
C GLY A 50 19.07 32.31 1.69
N TRP A 51 20.08 32.88 1.03
CA TRP A 51 20.56 32.42 -0.30
C TRP A 51 22.09 32.46 -0.40
N PHE A 52 22.64 31.67 -1.32
CA PHE A 52 24.06 31.64 -1.71
C PHE A 52 24.16 31.74 -3.24
N TYR A 53 24.87 32.75 -3.75
CA TYR A 53 25.15 32.93 -5.20
C TYR A 53 26.58 32.47 -5.49
N PRO A 54 26.77 31.29 -6.12
CA PRO A 54 28.10 30.76 -6.41
C PRO A 54 28.87 31.51 -7.50
N GLY A 55 28.21 32.42 -8.23
CA GLY A 55 28.85 33.32 -9.21
C GLY A 55 29.89 34.22 -8.57
N SER A 56 29.54 34.90 -7.47
CA SER A 56 30.39 35.88 -6.75
C SER A 56 30.84 35.33 -5.37
N GLY A 57 30.16 34.31 -4.83
CA GLY A 57 30.41 33.80 -3.47
C GLY A 57 29.61 34.56 -2.43
N ASN A 58 28.77 35.50 -2.86
CA ASN A 58 27.97 36.41 -2.01
C ASN A 58 26.90 35.60 -1.26
N ILE A 59 26.59 35.99 -0.02
CA ILE A 59 25.63 35.27 0.89
C ILE A 59 24.71 36.31 1.54
N LYS A 60 23.46 35.93 1.82
CA LYS A 60 22.47 36.76 2.56
C LYS A 60 21.56 35.86 3.38
N TYR A 61 21.30 36.25 4.63
CA TYR A 61 20.43 35.52 5.59
C TYR A 61 19.23 36.38 5.97
N ASN A 62 18.10 35.73 6.23
CA ASN A 62 17.01 36.24 7.10
C ASN A 62 17.62 36.46 8.48
N GLU A 63 17.41 37.63 9.09
CA GLU A 63 17.96 37.99 10.43
C GLU A 63 17.65 36.86 11.43
N LYS A 64 16.45 36.26 11.35
CA LYS A 64 15.98 35.14 12.21
C LYS A 64 16.99 33.98 12.22
N PHE A 65 17.56 33.65 11.05
CA PHE A 65 18.37 32.42 10.84
C PHE A 65 19.87 32.74 10.81
N LYS A 66 20.24 33.96 11.21
CA LYS A 66 21.64 34.45 11.34
C LYS A 66 22.51 33.42 12.05
N ASP A 67 22.08 33.03 13.26
CA ASP A 67 22.87 32.26 14.26
C ASP A 67 22.41 30.80 14.27
N LYS A 68 21.66 30.38 13.25
CA LYS A 68 21.09 29.02 13.09
C LYS A 68 21.70 28.33 11.87
N ALA A 69 21.62 28.99 10.72
CA ALA A 69 22.03 28.46 9.39
C ALA A 69 23.38 29.03 8.96
N THR A 70 24.19 28.22 8.27
CA THR A 70 25.44 28.61 7.60
C THR A 70 25.43 28.04 6.18
N LEU A 71 25.45 28.92 5.17
CA LEU A 71 25.44 28.55 3.72
C LEU A 71 26.88 28.51 3.22
N THR A 72 27.23 27.45 2.48
CA THR A 72 28.53 27.27 1.78
C THR A 72 28.27 26.54 0.47
N ALA A 73 29.27 26.41 -0.40
CA ALA A 73 29.15 25.77 -1.72
C ALA A 73 30.48 25.12 -2.15
N ASP A 74 30.39 24.12 -3.03
CA ASP A 74 31.53 23.46 -3.71
C ASP A 74 31.28 23.55 -5.21
N LYS A 75 31.92 24.51 -5.88
CA LYS A 75 31.75 24.80 -7.34
C LYS A 75 32.02 23.54 -8.16
N SER A 76 33.00 22.73 -7.75
CA SER A 76 33.52 21.58 -8.54
C SER A 76 32.53 20.41 -8.52
N SER A 77 31.53 20.43 -7.63
CA SER A 77 30.48 19.39 -7.53
C SER A 77 29.07 19.97 -7.74
N SER A 78 28.96 21.25 -8.11
CA SER A 78 27.68 21.96 -8.34
C SER A 78 26.73 21.75 -7.16
N THR A 79 27.22 21.96 -5.93
CA THR A 79 26.47 21.69 -4.67
C THR A 79 26.55 22.91 -3.73
N VAL A 80 25.40 23.31 -3.18
CA VAL A 80 25.28 24.33 -2.09
C VAL A 80 24.84 23.58 -0.82
N TYR A 81 25.48 23.91 0.31
CA TYR A 81 25.24 23.29 1.64
C TYR A 81 24.55 24.30 2.55
N MET A 82 23.70 23.81 3.45
CA MET A 82 23.17 24.56 4.62
C MET A 82 23.47 23.74 5.88
N GLU A 83 24.25 24.32 6.79
CA GLU A 83 24.56 23.73 8.12
C GLU A 83 23.65 24.38 9.16
N LEU A 84 22.86 23.57 9.87
CA LEU A 84 21.98 24.01 10.99
C LEU A 84 22.62 23.58 12.31
N SER A 85 22.75 24.50 13.26
CA SER A 85 23.49 24.32 14.53
C SER A 85 22.54 24.43 15.72
N ARG A 86 22.85 23.71 16.81
CA ARG A 86 22.16 23.77 18.12
C ARG A 86 20.68 23.44 17.92
N LEU A 87 20.42 22.28 17.31
CA LEU A 87 19.08 21.87 16.84
C LEU A 87 18.15 21.65 18.03
N THR A 88 16.91 22.13 17.92
CA THR A 88 15.78 21.83 18.84
C THR A 88 14.61 21.27 18.02
N SER A 89 13.51 20.94 18.68
CA SER A 89 12.26 20.43 18.05
C SER A 89 11.65 21.49 17.14
N GLU A 90 11.97 22.77 17.35
CA GLU A 90 11.48 23.91 16.52
C GLU A 90 12.08 23.82 15.12
N ASP A 91 13.27 23.22 14.97
CA ASP A 91 14.00 23.09 13.68
C ASP A 91 13.56 21.85 12.92
N SER A 92 12.72 20.99 13.51
CA SER A 92 12.09 19.82 12.82
C SER A 92 11.14 20.36 11.75
N ALA A 93 11.44 20.11 10.47
CA ALA A 93 10.70 20.64 9.30
C ALA A 93 11.23 20.01 8.01
N VAL A 94 10.58 20.29 6.88
CA VAL A 94 11.10 20.01 5.51
C VAL A 94 11.80 21.29 5.03
N TYR A 95 12.97 21.13 4.41
CA TYR A 95 13.83 22.23 3.88
C TYR A 95 14.01 22.04 2.37
N PHE A 96 13.54 23.01 1.59
CA PHE A 96 13.64 23.05 0.11
C PHE A 96 14.76 24.00 -0.31
N CYS A 97 15.48 23.67 -1.38
CA CYS A 97 16.33 24.61 -2.15
C CYS A 97 15.61 24.95 -3.47
N ALA A 98 15.91 26.11 -4.05
CA ALA A 98 15.30 26.62 -5.30
C ALA A 98 16.28 27.56 -5.99
N ARG A 99 16.36 27.49 -7.33
CA ARG A 99 17.29 28.30 -8.14
C ARG A 99 16.58 29.55 -8.67
N HIS A 100 17.34 30.61 -8.92
CA HIS A 100 16.85 31.97 -9.29
C HIS A 100 17.96 32.67 -10.10
N GLU A 101 17.72 32.89 -11.40
CA GLU A 101 18.70 33.47 -12.37
C GLU A 101 19.11 34.86 -11.89
N ASP A 102 20.42 35.07 -11.67
CA ASP A 102 20.96 36.28 -11.00
C ASP A 102 20.81 37.51 -11.90
N ARG A 103 21.14 37.40 -13.19
CA ARG A 103 21.39 38.56 -14.09
C ARG A 103 20.14 38.93 -14.90
N ASN A 104 18.96 38.48 -14.49
CA ASN A 104 17.67 38.71 -15.19
C ASN A 104 16.63 39.21 -14.18
N TYR A 105 16.16 40.44 -14.33
CA TYR A 105 15.13 41.04 -13.44
C TYR A 105 13.83 40.22 -13.50
N TYR A 106 13.55 39.60 -14.65
CA TYR A 106 12.26 38.89 -14.95
C TYR A 106 12.32 37.42 -14.51
N SER A 107 13.43 37.05 -13.84
CA SER A 107 13.71 35.77 -13.13
C SER A 107 12.62 35.49 -12.08
N TYR A 108 12.22 34.23 -11.94
CA TYR A 108 11.44 33.70 -10.79
C TYR A 108 12.12 32.40 -10.33
N TRP A 109 11.63 31.83 -9.23
CA TRP A 109 12.18 30.58 -8.63
C TRP A 109 11.64 29.39 -9.43
N ASP A 110 12.29 29.07 -10.56
CA ASP A 110 11.70 28.31 -11.69
C ASP A 110 11.85 26.79 -11.49
N TYR A 111 12.85 26.33 -10.73
CA TYR A 111 13.06 24.89 -10.40
C TYR A 111 13.35 24.75 -8.90
N TRP A 112 12.75 23.72 -8.28
CA TRP A 112 12.83 23.44 -6.81
C TRP A 112 13.38 22.03 -6.57
N GLY A 113 14.04 21.84 -5.43
CA GLY A 113 14.43 20.51 -4.91
C GLY A 113 13.23 19.74 -4.39
N GLN A 114 13.39 18.43 -4.18
CA GLN A 114 12.32 17.52 -3.73
C GLN A 114 12.06 17.75 -2.23
N GLY A 115 13.02 18.34 -1.52
CA GLY A 115 12.93 18.63 -0.08
C GLY A 115 13.71 17.62 0.74
N THR A 116 14.17 18.03 1.93
CA THR A 116 14.84 17.17 2.94
C THR A 116 14.08 17.31 4.27
N THR A 117 13.60 16.19 4.83
CA THR A 117 12.91 16.15 6.15
C THR A 117 13.96 16.02 7.25
N LEU A 118 13.99 16.98 8.18
CA LEU A 118 14.80 16.94 9.41
C LEU A 118 13.87 16.70 10.60
N THR A 119 14.23 15.73 11.47
CA THR A 119 13.55 15.41 12.75
C THR A 119 14.56 15.54 13.89
N VAL A 120 14.24 16.35 14.90
CA VAL A 120 15.10 16.58 16.11
C VAL A 120 14.35 16.03 17.33
N SER A 121 14.89 14.98 17.95
CA SER A 121 14.24 14.25 19.07
C SER A 121 15.26 13.44 19.88
N SER A 122 15.05 13.38 21.22
CA SER A 122 15.86 12.63 22.19
C SER A 122 15.51 11.13 22.12
N ALA A 123 14.28 10.82 21.68
CA ALA A 123 13.65 9.48 21.71
C ALA A 123 14.57 8.40 21.12
N LYS A 124 14.52 7.20 21.68
CA LYS A 124 15.19 5.97 21.17
C LYS A 124 14.24 5.27 20.20
N THR A 125 14.75 4.44 19.29
CA THR A 125 13.94 3.65 18.33
C THR A 125 13.02 2.73 19.13
N THR A 126 11.70 2.85 18.94
CA THR A 126 10.64 2.11 19.68
C THR A 126 9.70 1.47 18.67
N PRO A 127 9.51 0.12 18.71
CA PRO A 127 8.60 -0.54 17.79
C PRO A 127 7.14 -0.30 18.21
N PRO A 128 6.19 -0.34 17.26
CA PRO A 128 4.79 -0.03 17.57
C PRO A 128 4.06 -1.19 18.24
N SER A 129 3.14 -0.89 19.16
CA SER A 129 2.08 -1.80 19.63
C SER A 129 0.90 -1.69 18.68
N VAL A 130 0.55 -2.79 18.01
CA VAL A 130 -0.61 -2.89 17.08
C VAL A 130 -1.78 -3.53 17.83
N TYR A 131 -2.91 -2.84 17.90
CA TYR A 131 -4.16 -3.31 18.55
C TYR A 131 -5.28 -3.33 17.52
N PRO A 132 -6.01 -4.46 17.36
CA PRO A 132 -7.11 -4.53 16.40
C PRO A 132 -8.37 -3.86 16.95
N LEU A 133 -9.17 -3.22 16.09
CA LEU A 133 -10.43 -2.53 16.46
C LEU A 133 -11.61 -3.23 15.79
N ALA A 134 -12.39 -3.99 16.57
CA ALA A 134 -13.55 -4.79 16.15
C ALA A 134 -14.82 -4.24 16.78
N PRO A 135 -15.96 -4.20 16.05
CA PRO A 135 -17.21 -3.66 16.61
C PRO A 135 -17.85 -4.55 17.69
N ASN A 142 -26.65 -3.36 9.59
CA ASN A 142 -25.84 -2.57 8.61
C ASN A 142 -25.30 -3.52 7.53
N SER A 143 -25.42 -3.13 6.25
CA SER A 143 -25.03 -3.93 5.06
C SER A 143 -23.54 -3.76 4.76
N MET A 144 -22.86 -2.81 5.43
CA MET A 144 -21.42 -2.50 5.22
C MET A 144 -20.78 -2.22 6.59
N VAL A 145 -19.76 -3.01 6.98
CA VAL A 145 -19.11 -2.94 8.32
C VAL A 145 -17.77 -2.21 8.20
N THR A 146 -17.34 -1.55 9.28
CA THR A 146 -16.04 -0.82 9.38
C THR A 146 -15.18 -1.47 10.46
N LEU A 147 -13.96 -1.87 10.06
CA LEU A 147 -12.89 -2.38 10.96
C LEU A 147 -11.80 -1.30 11.07
N GLY A 148 -10.80 -1.55 11.90
CA GLY A 148 -9.61 -0.67 12.03
C GLY A 148 -8.54 -1.31 12.89
N CYS A 149 -7.37 -0.71 12.98
CA CYS A 149 -6.33 -1.10 13.96
C CYS A 149 -5.49 0.13 14.36
N LEU A 150 -5.15 0.22 15.65
CA LEU A 150 -4.41 1.32 16.29
C LEU A 150 -2.94 0.95 16.35
N VAL A 151 -2.06 1.84 15.88
CA VAL A 151 -0.58 1.68 15.92
C VAL A 151 0.00 2.71 16.90
N LYS A 152 0.36 2.28 18.11
CA LYS A 152 0.63 3.17 19.27
C LYS A 152 2.10 3.05 19.72
N GLY A 153 2.72 4.19 20.02
CA GLY A 153 3.99 4.30 20.79
C GLY A 153 5.19 3.81 19.99
N TYR A 154 5.41 4.34 18.80
CA TYR A 154 6.57 4.01 17.93
C TYR A 154 7.38 5.27 17.64
N PHE A 155 8.65 5.06 17.28
CA PHE A 155 9.61 6.12 16.85
C PHE A 155 10.76 5.47 16.09
N PRO A 156 11.27 6.09 15.00
CA PRO A 156 10.67 7.29 14.42
C PRO A 156 9.61 6.95 13.37
N GLU A 157 9.20 7.95 12.58
CA GLU A 157 8.41 7.75 11.34
C GLU A 157 9.33 7.17 10.28
N PRO A 158 8.82 6.44 9.26
CA PRO A 158 7.39 6.15 9.11
C PRO A 158 7.00 4.71 9.49
N VAL A 159 5.72 4.38 9.34
CA VAL A 159 5.18 2.98 9.36
C VAL A 159 4.41 2.76 8.06
N THR A 160 4.38 1.51 7.56
CA THR A 160 3.51 1.06 6.44
C THR A 160 2.35 0.26 7.01
N VAL A 161 1.11 0.71 6.75
CA VAL A 161 -0.15 -0.02 7.10
C VAL A 161 -0.79 -0.50 5.80
N THR A 162 -0.99 -1.81 5.67
CA THR A 162 -1.77 -2.43 4.55
C THR A 162 -2.90 -3.27 5.14
N TRP A 163 -3.85 -3.68 4.30
CA TRP A 163 -5.00 -4.54 4.68
C TRP A 163 -5.05 -5.76 3.75
N ASN A 164 -4.91 -6.97 4.32
CA ASN A 164 -4.81 -8.26 3.58
C ASN A 164 -3.67 -8.15 2.56
N SER A 165 -2.53 -7.58 2.99
CA SER A 165 -1.27 -7.44 2.21
C SER A 165 -1.49 -6.64 0.92
N GLY A 166 -2.40 -5.66 0.93
CA GLY A 166 -2.64 -4.74 -0.20
C GLY A 166 -3.93 -5.06 -0.95
N SER A 167 -4.47 -6.28 -0.79
CA SER A 167 -5.71 -6.77 -1.46
C SER A 167 -6.84 -5.74 -1.29
N LEU A 168 -7.12 -5.34 -0.05
CA LEU A 168 -8.07 -4.25 0.28
C LEU A 168 -7.36 -2.91 0.11
N SER A 169 -7.58 -2.26 -1.04
CA SER A 169 -7.04 -0.92 -1.39
C SER A 169 -8.09 0.16 -1.09
N SER A 170 -9.22 0.17 -1.81
CA SER A 170 -10.31 1.16 -1.66
C SER A 170 -11.10 0.86 -0.37
N GLY A 171 -11.81 1.87 0.15
CA GLY A 171 -12.55 1.82 1.43
C GLY A 171 -11.62 1.93 2.63
N VAL A 172 -10.36 2.36 2.42
CA VAL A 172 -9.29 2.46 3.45
C VAL A 172 -9.05 3.95 3.76
N HIS A 173 -8.79 4.27 5.02
CA HIS A 173 -8.45 5.63 5.53
C HIS A 173 -7.37 5.49 6.61
N THR A 174 -6.10 5.51 6.21
CA THR A 174 -4.92 5.58 7.12
C THR A 174 -4.67 7.06 7.46
N PHE A 175 -4.73 7.42 8.74
CA PHE A 175 -4.63 8.82 9.23
C PHE A 175 -3.17 9.14 9.54
N PRO A 176 -2.76 10.43 9.43
CA PRO A 176 -1.40 10.83 9.82
C PRO A 176 -1.20 10.70 11.34
N ALA A 177 0.03 10.43 11.76
CA ALA A 177 0.42 10.24 13.17
C ALA A 177 0.36 11.57 13.92
N VAL A 178 0.35 11.51 15.25
CA VAL A 178 0.55 12.66 16.18
C VAL A 178 1.61 12.24 17.21
N LEU A 179 2.06 13.17 18.06
CA LEU A 179 3.06 12.90 19.13
C LEU A 179 2.36 12.78 20.50
N GLN A 180 2.43 11.60 21.10
CA GLN A 180 2.07 11.36 22.53
C GLN A 180 3.39 11.17 23.30
N SER A 181 3.68 12.09 24.22
CA SER A 181 5.01 12.29 24.85
C SER A 181 6.03 12.51 23.71
N ASP A 182 6.95 11.56 23.49
CA ASP A 182 8.00 11.64 22.44
C ASP A 182 7.79 10.54 21.39
N LEU A 183 6.65 9.84 21.43
CA LEU A 183 6.35 8.69 20.54
C LEU A 183 5.17 9.03 19.63
N TYR A 184 5.02 8.30 18.53
CA TYR A 184 3.98 8.51 17.48
C TYR A 184 2.85 7.51 17.68
N THR A 185 1.61 7.98 17.50
CA THR A 185 0.37 7.16 17.52
C THR A 185 -0.38 7.39 16.20
N LEU A 186 -0.70 6.30 15.49
CA LEU A 186 -1.40 6.32 14.18
C LEU A 186 -2.61 5.38 14.24
N SER A 187 -3.62 5.65 13.44
CA SER A 187 -4.85 4.83 13.32
C SER A 187 -5.20 4.63 11.83
N SER A 188 -5.72 3.45 11.48
CA SER A 188 -6.20 3.10 10.12
C SER A 188 -7.58 2.43 10.23
N SER A 189 -8.49 2.76 9.31
CA SER A 189 -9.83 2.15 9.17
C SER A 189 -9.97 1.50 7.79
N VAL A 190 -10.80 0.47 7.69
CA VAL A 190 -11.17 -0.22 6.40
C VAL A 190 -12.67 -0.55 6.46
N THR A 191 -13.38 -0.38 5.35
CA THR A 191 -14.83 -0.68 5.21
C THR A 191 -15.01 -1.84 4.21
N VAL A 192 -15.71 -2.90 4.63
CA VAL A 192 -16.00 -4.11 3.82
C VAL A 192 -17.49 -4.44 3.92
N PRO A 193 -18.06 -5.19 2.94
CA PRO A 193 -19.45 -5.64 3.02
C PRO A 193 -19.69 -6.58 4.22
N SER A 194 -20.87 -6.49 4.85
CA SER A 194 -21.28 -7.29 6.05
C SER A 194 -21.26 -8.81 5.83
N SER A 195 -21.37 -9.28 4.57
CA SER A 195 -21.37 -10.72 4.19
C SER A 195 -19.93 -11.23 4.06
N THR A 196 -18.99 -10.35 3.72
CA THR A 196 -17.52 -10.61 3.66
C THR A 196 -17.05 -11.15 5.02
N TRP A 197 -17.35 -10.42 6.10
CA TRP A 197 -16.69 -10.50 7.42
C TRP A 197 -17.72 -10.94 8.48
N PRO A 198 -17.38 -11.85 9.42
CA PRO A 198 -16.01 -12.36 9.61
C PRO A 198 -15.59 -13.57 8.77
N SER A 199 -16.47 -14.07 7.90
CA SER A 199 -16.26 -15.30 7.07
C SER A 199 -14.90 -15.23 6.37
N GLU A 200 -14.66 -14.16 5.61
CA GLU A 200 -13.35 -13.83 4.97
C GLU A 200 -12.57 -12.94 5.94
N THR A 201 -11.50 -13.50 6.52
CA THR A 201 -10.72 -12.88 7.62
C THR A 201 -9.99 -11.65 7.07
N VAL A 202 -10.10 -10.53 7.80
CA VAL A 202 -9.45 -9.22 7.46
C VAL A 202 -8.28 -9.02 8.43
N THR A 203 -7.08 -8.74 7.89
CA THR A 203 -5.80 -8.57 8.64
C THR A 203 -5.18 -7.21 8.29
N CYS A 204 -4.82 -6.42 9.30
CA CYS A 204 -4.06 -5.15 9.14
C CYS A 204 -2.57 -5.47 9.33
N ASN A 205 -1.75 -5.10 8.35
CA ASN A 205 -0.28 -5.36 8.33
C ASN A 205 0.45 -4.05 8.61
N VAL A 206 1.15 -3.97 9.75
CA VAL A 206 1.97 -2.81 10.17
C VAL A 206 3.45 -3.21 10.07
N ALA A 207 4.27 -2.36 9.44
CA ALA A 207 5.73 -2.55 9.29
C ALA A 207 6.46 -1.29 9.72
N HIS A 208 7.54 -1.44 10.49
CA HIS A 208 8.40 -0.33 11.00
C HIS A 208 9.83 -0.59 10.54
N PRO A 209 10.32 0.12 9.50
CA PRO A 209 11.68 -0.06 9.02
C PRO A 209 12.70 0.06 10.16
N ALA A 210 12.65 1.18 10.88
CA ALA A 210 13.64 1.62 11.90
C ALA A 210 13.91 0.53 12.92
N SER A 211 12.87 -0.13 13.43
CA SER A 211 12.95 -1.21 14.46
C SER A 211 12.94 -2.58 13.77
N SER A 212 12.98 -2.61 12.44
CA SER A 212 12.89 -3.84 11.59
C SER A 212 11.89 -4.82 12.19
N THR A 213 10.65 -4.37 12.42
CA THR A 213 9.51 -5.19 12.90
C THR A 213 8.39 -5.18 11.84
N LYS A 214 7.76 -6.35 11.66
CA LYS A 214 6.53 -6.55 10.85
C LYS A 214 5.56 -7.38 11.69
N VAL A 215 4.29 -6.96 11.74
CA VAL A 215 3.23 -7.57 12.59
C VAL A 215 1.92 -7.59 11.82
N ASP A 216 1.22 -8.73 11.88
CA ASP A 216 -0.14 -8.94 11.31
C ASP A 216 -1.10 -9.17 12.48
N LYS A 217 -2.23 -8.47 12.49
CA LYS A 217 -3.32 -8.66 13.48
C LYS A 217 -4.62 -8.96 12.73
N LYS A 218 -5.17 -10.16 12.95
CA LYS A 218 -6.51 -10.57 12.44
C LYS A 218 -7.57 -9.81 13.26
N ILE A 219 -8.52 -9.17 12.60
CA ILE A 219 -9.67 -8.48 13.26
C ILE A 219 -10.70 -9.58 13.62
N VAL A 220 -10.76 -9.95 14.89
CA VAL A 220 -11.65 -11.03 15.44
C VAL A 220 -12.84 -10.33 16.11
N PRO A 221 -14.09 -10.78 15.87
CA PRO A 221 -15.24 -10.17 16.54
C PRO A 221 -15.27 -10.52 18.04
N GLN B 2 9.87 41.82 8.31
CA GLN B 2 8.75 42.30 9.16
C GLN B 2 7.51 42.66 8.33
N ILE B 3 7.60 42.66 6.99
CA ILE B 3 6.38 42.80 6.14
C ILE B 3 5.55 41.55 6.34
N VAL B 4 4.33 41.69 6.86
CA VAL B 4 3.39 40.56 7.10
C VAL B 4 2.37 40.54 5.96
N LEU B 5 2.24 39.39 5.30
CA LEU B 5 1.30 39.14 4.18
C LEU B 5 0.13 38.30 4.69
N THR B 6 -1.09 38.84 4.60
CA THR B 6 -2.33 38.20 5.10
C THR B 6 -3.14 37.71 3.90
N GLN B 7 -3.26 36.40 3.75
CA GLN B 7 -4.00 35.73 2.64
C GLN B 7 -5.41 35.37 3.13
N SER B 8 -6.43 35.85 2.43
CA SER B 8 -7.86 35.59 2.74
C SER B 8 -8.58 35.15 1.47
N PRO B 9 -9.57 34.23 1.56
CA PRO B 9 -9.81 33.44 2.77
C PRO B 9 -8.73 32.35 2.94
N ALA B 10 -8.58 31.81 4.15
CA ALA B 10 -7.62 30.74 4.48
C ALA B 10 -8.07 29.42 3.83
N LEU B 11 -9.39 29.21 3.79
CA LEU B 11 -10.04 28.06 3.11
C LEU B 11 -11.12 28.60 2.17
N MET B 12 -11.23 28.04 0.96
CA MET B 12 -12.38 28.28 0.06
C MET B 12 -12.57 27.08 -0.87
N SER B 13 -13.80 26.91 -1.37
CA SER B 13 -14.26 25.78 -2.22
C SER B 13 -14.84 26.33 -3.52
N ALA B 14 -14.74 25.57 -4.61
CA ALA B 14 -15.26 25.96 -5.94
C ALA B 14 -15.59 24.71 -6.76
N SER B 15 -16.72 24.74 -7.45
CA SER B 15 -17.14 23.73 -8.46
C SER B 15 -16.41 24.02 -9.76
N PRO B 16 -16.05 23.00 -10.56
CA PRO B 16 -15.47 23.24 -11.89
C PRO B 16 -16.35 24.16 -12.72
N GLY B 17 -15.75 25.21 -13.32
CA GLY B 17 -16.44 26.23 -14.12
C GLY B 17 -16.55 27.56 -13.38
N GLU B 18 -16.54 27.53 -12.04
CA GLU B 18 -16.73 28.73 -11.17
C GLU B 18 -15.47 29.61 -11.22
N LYS B 19 -15.66 30.93 -11.19
CA LYS B 19 -14.55 31.93 -11.07
C LYS B 19 -14.07 31.96 -9.61
N VAL B 20 -12.76 32.03 -9.40
CA VAL B 20 -12.11 31.99 -8.06
C VAL B 20 -11.16 33.19 -7.93
N THR B 21 -11.46 34.12 -7.02
CA THR B 21 -10.54 35.23 -6.63
C THR B 21 -10.12 35.04 -5.16
N MET B 22 -8.83 35.26 -4.91
CA MET B 22 -8.20 35.14 -3.57
C MET B 22 -7.16 36.26 -3.42
N THR B 23 -7.13 36.88 -2.25
CA THR B 23 -6.39 38.14 -1.98
C THR B 23 -5.13 37.86 -1.13
N CYS B 24 -4.10 38.67 -1.35
CA CYS B 24 -2.89 38.82 -0.50
C CYS B 24 -2.80 40.28 -0.07
N SER B 25 -2.75 40.53 1.23
CA SER B 25 -2.77 41.89 1.85
C SER B 25 -1.47 42.12 2.61
N ALA B 26 -0.78 43.22 2.32
CA ALA B 26 0.56 43.56 2.86
C ALA B 26 0.42 44.58 4.00
N SER B 27 1.19 44.39 5.07
CA SER B 27 1.27 45.31 6.24
C SER B 27 1.95 46.62 5.84
N SER B 28 2.80 46.61 4.80
CA SER B 28 3.48 47.79 4.20
C SER B 28 3.36 47.70 2.67
N SER B 29 3.78 48.74 1.95
CA SER B 29 3.78 48.79 0.47
C SER B 29 4.85 47.81 -0.07
N VAL B 30 4.52 47.08 -1.13
CA VAL B 30 5.47 46.20 -1.89
C VAL B 30 5.32 46.52 -3.38
N SER B 31 6.43 46.48 -4.13
CA SER B 31 6.52 46.90 -5.55
C SER B 31 5.81 45.89 -6.45
N ASN B 32 5.93 44.59 -6.15
CA ASN B 32 5.33 43.47 -6.94
C ASN B 32 5.08 42.27 -6.03
N MET B 33 4.23 41.34 -6.47
CA MET B 33 3.91 40.08 -5.73
C MET B 33 4.26 38.87 -6.60
N TYR B 34 4.74 37.79 -5.97
CA TYR B 34 5.01 36.46 -6.57
C TYR B 34 4.04 35.45 -5.96
N TRP B 35 3.53 34.49 -6.75
CA TRP B 35 2.60 33.43 -6.28
C TRP B 35 3.18 32.04 -6.57
N TYR B 36 2.84 31.08 -5.72
CA TYR B 36 3.26 29.65 -5.81
C TYR B 36 2.03 28.76 -5.60
N GLN B 37 2.02 27.60 -6.27
CA GLN B 37 1.07 26.48 -6.03
C GLN B 37 1.84 25.34 -5.36
N GLN B 38 1.28 24.75 -4.31
CA GLN B 38 1.79 23.53 -3.65
C GLN B 38 0.63 22.55 -3.40
N LYS B 39 0.84 21.27 -3.71
CA LYS B 39 -0.06 20.14 -3.39
C LYS B 39 0.64 19.22 -2.39
N PRO B 40 -0.12 18.43 -1.59
CA PRO B 40 0.48 17.56 -0.58
C PRO B 40 1.56 16.62 -1.13
N ARG B 41 2.67 16.49 -0.38
CA ARG B 41 3.83 15.61 -0.67
C ARG B 41 4.41 15.96 -2.05
N SER B 42 4.75 17.24 -2.24
CA SER B 42 5.43 17.78 -3.45
C SER B 42 5.91 19.21 -3.15
N SER B 43 7.07 19.60 -3.70
CA SER B 43 7.69 20.92 -3.46
C SER B 43 6.87 22.00 -4.16
N PRO B 44 6.88 23.26 -3.66
CA PRO B 44 6.12 24.34 -4.28
C PRO B 44 6.53 24.59 -5.74
N LYS B 45 5.58 25.04 -6.56
CA LYS B 45 5.78 25.36 -8.00
C LYS B 45 5.56 26.85 -8.21
N PRO B 46 6.44 27.54 -8.97
CA PRO B 46 6.22 28.95 -9.31
C PRO B 46 4.96 29.07 -10.17
N TRP B 47 4.10 30.05 -9.89
CA TRP B 47 2.80 30.23 -10.58
C TRP B 47 2.73 31.61 -11.25
N ILE B 48 2.90 32.68 -10.47
CA ILE B 48 2.91 34.10 -10.97
C ILE B 48 4.22 34.75 -10.50
N TYR B 49 4.76 35.65 -11.33
CA TYR B 49 5.92 36.51 -11.01
C TYR B 49 5.61 37.93 -11.49
N LEU B 50 6.21 38.94 -10.84
CA LEU B 50 6.00 40.38 -11.11
C LEU B 50 4.51 40.67 -11.29
N THR B 51 3.72 40.23 -10.30
CA THR B 51 2.31 40.62 -10.03
C THR B 51 1.33 39.89 -10.96
N SER B 52 1.55 39.91 -12.28
CA SER B 52 0.54 39.46 -13.29
C SER B 52 1.16 38.63 -14.42
N ASN B 53 2.42 38.21 -14.32
CA ASN B 53 3.10 37.39 -15.36
C ASN B 53 3.05 35.92 -14.97
N LEU B 54 2.44 35.08 -15.79
CA LEU B 54 2.34 33.61 -15.56
C LEU B 54 3.71 32.97 -15.77
N ALA B 55 4.10 32.04 -14.88
CA ALA B 55 5.29 31.18 -15.00
C ALA B 55 5.07 30.19 -16.14
N SER B 56 6.16 29.68 -16.73
CA SER B 56 6.14 28.74 -17.88
C SER B 56 5.27 27.52 -17.56
N GLY B 57 4.28 27.22 -18.41
CA GLY B 57 3.42 26.03 -18.31
C GLY B 57 2.14 26.28 -17.52
N VAL B 58 1.93 27.49 -17.00
CA VAL B 58 0.71 27.85 -16.21
C VAL B 58 -0.41 28.20 -17.19
N PRO B 59 -1.56 27.48 -17.16
CA PRO B 59 -2.70 27.76 -18.05
C PRO B 59 -3.22 29.20 -18.01
N ALA B 60 -3.81 29.66 -19.14
CA ALA B 60 -4.22 31.06 -19.39
C ALA B 60 -5.40 31.48 -18.49
N ARG B 61 -6.12 30.53 -17.90
CA ARG B 61 -7.29 30.80 -17.01
C ARG B 61 -6.82 31.53 -15.74
N PHE B 62 -5.53 31.41 -15.39
CA PHE B 62 -4.92 32.08 -14.21
C PHE B 62 -4.50 33.50 -14.60
N SER B 63 -4.56 34.41 -13.63
CA SER B 63 -4.15 35.84 -13.75
C SER B 63 -3.86 36.42 -12.37
N GLY B 64 -2.95 37.39 -12.30
CA GLY B 64 -2.62 38.15 -11.09
C GLY B 64 -2.88 39.64 -11.28
N SER B 65 -3.07 40.37 -10.19
CA SER B 65 -3.40 41.82 -10.19
C SER B 65 -2.96 42.45 -8.86
N GLY B 66 -2.92 43.77 -8.81
CA GLY B 66 -2.77 44.54 -7.56
C GLY B 66 -1.61 45.51 -7.62
N SER B 67 -1.48 46.32 -6.56
CA SER B 67 -0.39 47.32 -6.36
C SER B 67 -0.34 47.72 -4.88
N GLY B 68 0.78 48.31 -4.46
CA GLY B 68 0.98 48.84 -3.10
C GLY B 68 0.78 47.78 -2.04
N THR B 69 -0.45 47.66 -1.51
CA THR B 69 -0.75 46.92 -0.25
C THR B 69 -1.77 45.79 -0.48
N SER B 70 -2.36 45.71 -1.68
CA SER B 70 -3.46 44.76 -2.00
C SER B 70 -3.19 44.09 -3.35
N TYR B 71 -2.99 42.78 -3.34
CA TYR B 71 -2.77 41.93 -4.55
C TYR B 71 -3.78 40.79 -4.54
N SER B 72 -4.07 40.21 -5.71
CA SER B 72 -5.03 39.10 -5.88
C SER B 72 -4.55 38.14 -6.98
N LEU B 73 -4.85 36.85 -6.82
CA LEU B 73 -4.74 35.80 -7.86
C LEU B 73 -6.16 35.36 -8.24
N THR B 74 -6.43 35.18 -9.53
CA THR B 74 -7.80 34.88 -10.06
C THR B 74 -7.74 33.72 -11.06
N ILE B 75 -8.73 32.81 -10.96
CA ILE B 75 -8.98 31.70 -11.92
C ILE B 75 -10.33 31.97 -12.58
N SER B 76 -10.33 32.19 -13.91
CA SER B 76 -11.52 32.50 -14.72
C SER B 76 -12.53 31.35 -14.62
N SER B 77 -12.07 30.13 -14.89
CA SER B 77 -12.88 28.87 -14.87
C SER B 77 -12.13 27.79 -14.09
N MET B 78 -12.57 27.50 -12.87
CA MET B 78 -12.02 26.47 -11.95
C MET B 78 -11.94 25.12 -12.67
N GLU B 79 -10.84 24.38 -12.44
CA GLU B 79 -10.68 22.96 -12.84
C GLU B 79 -10.25 22.14 -11.63
N ALA B 80 -10.55 20.84 -11.64
CA ALA B 80 -10.30 19.88 -10.54
C ALA B 80 -8.80 19.89 -10.16
N GLU B 81 -7.92 19.96 -11.15
CA GLU B 81 -6.43 19.91 -10.97
C GLU B 81 -5.93 21.18 -10.26
N ASP B 82 -6.73 22.25 -10.21
CA ASP B 82 -6.36 23.56 -9.60
C ASP B 82 -6.52 23.52 -8.08
N ALA B 83 -7.14 22.47 -7.53
CA ALA B 83 -7.29 22.24 -6.07
C ALA B 83 -5.90 22.07 -5.45
N ALA B 84 -5.47 23.06 -4.66
CA ALA B 84 -4.13 23.13 -4.04
C ALA B 84 -4.08 24.27 -3.03
N THR B 85 -2.92 24.49 -2.41
CA THR B 85 -2.63 25.67 -1.54
C THR B 85 -1.81 26.66 -2.36
N TYR B 86 -2.20 27.95 -2.34
CA TYR B 86 -1.55 29.05 -3.07
C TYR B 86 -0.95 30.04 -2.06
N TYR B 87 0.34 30.35 -2.23
CA TYR B 87 1.13 31.27 -1.36
C TYR B 87 1.54 32.50 -2.16
N CYS B 88 1.49 33.69 -1.55
CA CYS B 88 2.09 34.94 -2.09
C CYS B 88 3.44 35.19 -1.41
N GLN B 89 4.33 35.94 -2.06
CA GLN B 89 5.68 36.30 -1.57
C GLN B 89 6.06 37.69 -2.10
N GLN B 90 6.77 38.48 -1.31
CA GLN B 90 7.28 39.83 -1.70
C GLN B 90 8.81 39.81 -1.68
N TRP B 91 9.45 40.56 -2.57
CA TRP B 91 10.92 40.69 -2.71
C TRP B 91 11.37 42.12 -2.39
N SER B 92 10.42 43.04 -2.15
CA SER B 92 10.63 44.52 -2.00
C SER B 92 11.48 44.83 -0.76
N SER B 93 11.19 44.16 0.36
CA SER B 93 11.69 44.47 1.72
C SER B 93 12.36 43.22 2.31
N ASN B 94 13.61 43.33 2.78
CA ASN B 94 14.32 42.22 3.46
C ASN B 94 13.95 42.20 4.94
N PRO B 95 13.53 41.05 5.51
CA PRO B 95 13.62 39.75 4.82
C PRO B 95 12.48 39.48 3.83
N LEU B 96 12.72 38.58 2.86
CA LEU B 96 11.69 38.01 1.96
C LEU B 96 10.66 37.27 2.83
N THR B 97 9.36 37.53 2.62
CA THR B 97 8.27 36.95 3.45
C THR B 97 7.20 36.33 2.55
N PHE B 98 6.55 35.27 3.05
CA PHE B 98 5.43 34.55 2.39
C PHE B 98 4.14 34.80 3.15
N GLY B 99 2.99 34.53 2.52
CA GLY B 99 1.68 34.46 3.18
C GLY B 99 1.51 33.11 3.86
N ALA B 100 0.46 32.94 4.67
CA ALA B 100 0.14 31.70 5.40
C ALA B 100 -0.47 30.67 4.44
N GLY B 101 -0.95 31.12 3.27
CA GLY B 101 -1.57 30.27 2.23
C GLY B 101 -3.08 30.47 2.15
N THR B 102 -3.64 30.27 0.96
CA THR B 102 -5.10 30.06 0.71
C THR B 102 -5.27 28.63 0.17
N LYS B 103 -6.00 27.77 0.88
CA LYS B 103 -6.28 26.38 0.42
C LYS B 103 -7.59 26.35 -0.37
N LEU B 104 -7.51 25.94 -1.64
CA LEU B 104 -8.65 25.80 -2.57
C LEU B 104 -9.04 24.33 -2.66
N GLU B 105 -10.29 24.00 -2.32
CA GLU B 105 -10.79 22.60 -2.31
C GLU B 105 -11.88 22.46 -3.39
N LEU B 106 -12.08 21.22 -3.86
CA LEU B 106 -13.23 20.85 -4.72
C LEU B 106 -14.51 20.98 -3.90
N LYS B 107 -15.58 21.53 -4.48
CA LYS B 107 -16.94 21.50 -3.89
C LYS B 107 -17.59 20.18 -4.26
N ARG B 108 -18.62 19.80 -3.51
CA ARG B 108 -19.46 18.59 -3.77
C ARG B 108 -20.69 18.66 -2.86
N ALA B 109 -21.66 17.77 -3.11
CA ALA B 109 -22.87 17.59 -2.28
C ALA B 109 -22.44 17.40 -0.82
N ASP B 110 -23.13 18.04 0.12
CA ASP B 110 -22.90 17.87 1.59
C ASP B 110 -23.05 16.39 1.93
N ALA B 111 -22.26 15.91 2.89
CA ALA B 111 -22.28 14.51 3.38
C ALA B 111 -22.08 14.52 4.90
N ALA B 112 -22.92 13.77 5.61
CA ALA B 112 -22.79 13.48 7.06
C ALA B 112 -21.73 12.39 7.22
N PRO B 113 -20.95 12.40 8.32
CA PRO B 113 -19.93 11.39 8.53
C PRO B 113 -20.49 10.00 8.92
N THR B 114 -19.89 8.94 8.37
CA THR B 114 -20.04 7.54 8.85
C THR B 114 -19.19 7.38 10.11
N VAL B 115 -19.83 7.42 11.28
CA VAL B 115 -19.17 7.38 12.62
C VAL B 115 -19.13 5.92 13.08
N SER B 116 -18.00 5.47 13.61
CA SER B 116 -17.78 4.12 14.18
C SER B 116 -16.93 4.27 15.45
N ILE B 117 -17.38 3.69 16.57
CA ILE B 117 -16.68 3.76 17.89
C ILE B 117 -16.19 2.34 18.23
N PHE B 118 -15.01 2.25 18.86
CA PHE B 118 -14.33 0.97 19.18
C PHE B 118 -13.84 1.00 20.62
N PRO B 119 -14.24 0.01 21.45
CA PRO B 119 -13.66 -0.17 22.77
C PRO B 119 -12.18 -0.54 22.70
N PRO B 120 -11.43 -0.46 23.82
CA PRO B 120 -10.05 -0.93 23.85
C PRO B 120 -9.96 -2.43 23.53
N SER B 121 -8.87 -2.84 22.88
CA SER B 121 -8.58 -4.28 22.60
C SER B 121 -8.20 -4.96 23.90
N SER B 122 -8.49 -6.26 24.02
CA SER B 122 -8.03 -7.15 25.12
C SER B 122 -6.50 -7.09 25.21
N GLU B 123 -5.81 -7.15 24.06
CA GLU B 123 -4.32 -7.10 23.94
C GLU B 123 -3.78 -5.87 24.69
N GLN B 124 -4.42 -4.70 24.51
CA GLN B 124 -3.98 -3.42 25.12
C GLN B 124 -4.34 -3.40 26.61
N LEU B 125 -5.52 -3.91 26.98
CA LEU B 125 -6.04 -3.91 28.37
C LEU B 125 -5.14 -4.81 29.24
N THR B 126 -4.72 -5.96 28.71
CA THR B 126 -3.73 -6.88 29.33
C THR B 126 -2.41 -6.14 29.56
N SER B 127 -1.97 -5.35 28.57
CA SER B 127 -0.75 -4.50 28.63
C SER B 127 -0.82 -3.60 29.86
N GLY B 128 -1.82 -2.72 29.95
CA GLY B 128 -1.99 -1.78 31.08
C GLY B 128 -2.61 -0.46 30.67
N GLY B 129 -2.62 -0.13 29.37
CA GLY B 129 -3.29 1.06 28.81
C GLY B 129 -4.73 0.76 28.38
N ALA B 130 -5.44 1.80 27.92
CA ALA B 130 -6.82 1.71 27.36
C ALA B 130 -7.10 2.95 26.50
N SER B 131 -7.05 2.80 25.16
CA SER B 131 -7.44 3.82 24.16
C SER B 131 -8.81 3.45 23.57
N VAL B 132 -9.72 4.43 23.51
CA VAL B 132 -11.04 4.33 22.82
C VAL B 132 -10.94 5.12 21.51
N VAL B 133 -11.16 4.44 20.38
CA VAL B 133 -10.98 5.01 19.01
C VAL B 133 -12.36 5.28 18.39
N CYS B 134 -12.47 6.40 17.67
CA CYS B 134 -13.69 6.81 16.93
C CYS B 134 -13.30 7.39 15.56
N PHE B 135 -13.77 6.77 14.47
CA PHE B 135 -13.61 7.22 13.07
C PHE B 135 -14.87 7.96 12.61
N LEU B 136 -14.70 9.08 11.91
CA LEU B 136 -15.78 9.89 11.28
C LEU B 136 -15.44 10.06 9.80
N ASN B 137 -15.90 9.15 8.95
CA ASN B 137 -15.37 8.93 7.58
C ASN B 137 -16.34 9.47 6.53
N ASN B 138 -15.81 10.17 5.52
CA ASN B 138 -16.48 10.53 4.24
C ASN B 138 -17.60 11.55 4.49
N PHE B 139 -17.24 12.76 4.93
CA PHE B 139 -18.17 13.89 5.17
C PHE B 139 -17.70 15.12 4.37
N TYR B 140 -18.63 16.07 4.15
CA TYR B 140 -18.37 17.38 3.51
C TYR B 140 -19.44 18.37 3.98
N PRO B 141 -19.11 19.64 4.35
CA PRO B 141 -17.74 20.17 4.25
C PRO B 141 -16.83 19.76 5.42
N LYS B 142 -15.61 20.30 5.46
CA LYS B 142 -14.53 19.92 6.42
C LYS B 142 -14.84 20.45 7.83
N ASP B 143 -15.59 21.55 7.94
CA ASP B 143 -15.99 22.15 9.25
C ASP B 143 -16.77 21.11 10.05
N ILE B 144 -16.16 20.59 11.12
CA ILE B 144 -16.72 19.50 11.97
C ILE B 144 -16.17 19.63 13.40
N ASN B 145 -16.91 19.09 14.37
CA ASN B 145 -16.58 19.10 15.82
C ASN B 145 -16.88 17.72 16.39
N VAL B 146 -15.95 17.18 17.20
CA VAL B 146 -16.08 15.86 17.89
C VAL B 146 -16.01 16.11 19.41
N LYS B 147 -16.97 15.57 20.17
CA LYS B 147 -17.01 15.61 21.65
C LYS B 147 -17.11 14.18 22.18
N TRP B 148 -16.37 13.86 23.25
CA TRP B 148 -16.40 12.56 23.95
C TRP B 148 -17.21 12.71 25.25
N LYS B 149 -18.07 11.73 25.56
CA LYS B 149 -18.88 11.70 26.82
C LYS B 149 -18.64 10.37 27.53
N ILE B 150 -18.38 10.42 28.84
CA ILE B 150 -18.23 9.23 29.72
C ILE B 150 -19.28 9.32 30.84
N ASP B 151 -20.25 8.39 30.85
CA ASP B 151 -21.34 8.29 31.85
C ASP B 151 -22.03 9.66 31.96
N GLY B 152 -22.39 10.28 30.83
CA GLY B 152 -23.18 11.52 30.76
C GLY B 152 -22.34 12.76 30.56
N SER B 153 -21.26 12.92 31.32
CA SER B 153 -20.37 14.12 31.34
C SER B 153 -19.34 14.03 30.21
N GLU B 154 -19.00 15.16 29.58
CA GLU B 154 -18.05 15.23 28.44
C GLU B 154 -16.61 15.17 28.97
N ARG B 155 -15.66 14.80 28.11
CA ARG B 155 -14.20 14.79 28.40
C ARG B 155 -13.47 15.55 27.29
N GLN B 156 -12.47 16.36 27.67
CA GLN B 156 -11.64 17.20 26.77
C GLN B 156 -10.16 16.81 26.90
N ASN B 157 -9.78 16.14 28.01
CA ASN B 157 -8.39 15.78 28.37
C ASN B 157 -8.05 14.42 27.73
N GLY B 158 -6.79 14.23 27.30
CA GLY B 158 -6.26 12.96 26.79
C GLY B 158 -6.86 12.55 25.46
N VAL B 159 -7.45 13.50 24.72
CA VAL B 159 -8.02 13.30 23.35
C VAL B 159 -6.96 13.75 22.33
N LEU B 160 -6.92 13.12 21.16
CA LEU B 160 -6.04 13.54 20.02
C LEU B 160 -6.73 13.20 18.69
N ASN B 161 -6.83 14.18 17.79
CA ASN B 161 -7.53 14.09 16.48
C ASN B 161 -6.49 14.05 15.35
N SER B 162 -6.87 13.45 14.22
CA SER B 162 -6.08 13.35 12.97
C SER B 162 -7.01 13.43 11.76
N TRP B 163 -6.69 14.26 10.77
CA TRP B 163 -7.50 14.50 9.55
C TRP B 163 -6.76 13.98 8.31
N THR B 164 -7.50 13.45 7.34
CA THR B 164 -6.99 13.15 5.97
C THR B 164 -7.13 14.42 5.12
N ASP B 165 -6.40 14.49 4.01
CA ASP B 165 -6.62 15.47 2.92
C ASP B 165 -7.96 15.12 2.23
N GLN B 166 -8.53 16.06 1.48
CA GLN B 166 -9.70 15.81 0.61
C GLN B 166 -9.39 14.60 -0.27
N ASP B 167 -10.34 13.68 -0.42
CA ASP B 167 -10.18 12.42 -1.19
C ASP B 167 -10.24 12.74 -2.69
N SER B 168 -9.30 12.20 -3.47
CA SER B 168 -9.21 12.40 -4.94
C SER B 168 -10.37 11.69 -5.66
N LYS B 169 -10.91 10.62 -5.07
CA LYS B 169 -12.05 9.84 -5.64
C LYS B 169 -13.38 10.50 -5.25
N ASP B 170 -13.62 10.68 -3.94
CA ASP B 170 -14.92 11.00 -3.30
C ASP B 170 -15.07 12.51 -3.05
N SER B 171 -13.95 13.24 -2.98
CA SER B 171 -13.88 14.69 -2.62
C SER B 171 -14.35 14.93 -1.17
N THR B 172 -14.32 13.89 -0.33
CA THR B 172 -14.78 13.93 1.10
C THR B 172 -13.58 14.00 2.04
N TYR B 173 -13.81 14.39 3.29
CA TYR B 173 -12.82 14.41 4.39
C TYR B 173 -13.16 13.31 5.41
N SER B 174 -12.15 12.79 6.10
CA SER B 174 -12.25 11.79 7.19
C SER B 174 -11.43 12.28 8.39
N MET B 175 -11.88 11.95 9.61
CA MET B 175 -11.17 12.29 10.87
C MET B 175 -11.10 11.05 11.79
N SER B 176 -10.01 10.93 12.55
CA SER B 176 -9.78 9.90 13.59
C SER B 176 -9.54 10.59 14.95
N SER B 177 -10.45 10.39 15.92
CA SER B 177 -10.35 10.92 17.30
C SER B 177 -10.07 9.77 18.28
N THR B 178 -9.04 9.90 19.11
CA THR B 178 -8.54 8.84 20.03
C THR B 178 -8.50 9.39 21.47
N LEU B 179 -9.28 8.79 22.37
CA LEU B 179 -9.34 9.11 23.82
C LEU B 179 -8.51 8.07 24.57
N THR B 180 -7.43 8.49 25.24
CA THR B 180 -6.48 7.60 25.95
C THR B 180 -6.68 7.75 27.47
N LEU B 181 -7.14 6.66 28.12
CA LEU B 181 -7.35 6.55 29.58
C LEU B 181 -6.31 5.59 30.17
N THR B 182 -6.21 5.52 31.50
CA THR B 182 -5.56 4.41 32.24
C THR B 182 -6.55 3.23 32.28
N LYS B 183 -6.06 2.00 32.25
CA LYS B 183 -6.91 0.77 32.33
C LYS B 183 -7.90 0.92 33.49
N ASP B 184 -7.41 1.38 34.65
CA ASP B 184 -8.20 1.50 35.91
C ASP B 184 -9.28 2.58 35.76
N GLU B 185 -8.96 3.69 35.08
CA GLU B 185 -9.93 4.80 34.80
C GLU B 185 -11.02 4.29 33.86
N TYR B 186 -10.64 3.56 32.81
CA TYR B 186 -11.57 2.97 31.80
C TYR B 186 -12.59 2.07 32.49
N GLU B 187 -12.13 1.18 33.37
CA GLU B 187 -12.96 0.09 33.96
C GLU B 187 -13.78 0.59 35.16
N ARG B 188 -13.70 1.88 35.51
CA ARG B 188 -14.50 2.47 36.62
C ARG B 188 -15.68 3.27 36.05
N HIS B 189 -15.85 3.27 34.72
CA HIS B 189 -17.01 3.88 34.02
C HIS B 189 -17.65 2.85 33.08
N ASN B 190 -18.89 3.08 32.66
CA ASN B 190 -19.74 2.08 31.95
C ASN B 190 -19.99 2.50 30.50
N SER B 191 -20.55 3.69 30.27
CA SER B 191 -21.01 4.18 28.95
C SER B 191 -20.00 5.18 28.35
N TYR B 192 -19.55 4.92 27.12
CA TYR B 192 -18.63 5.79 26.33
C TYR B 192 -19.30 6.19 25.01
N THR B 193 -19.46 7.49 24.78
CA THR B 193 -20.14 8.06 23.58
C THR B 193 -19.16 8.94 22.79
N CYS B 194 -19.13 8.74 21.47
CA CYS B 194 -18.42 9.60 20.47
C CYS B 194 -19.48 10.41 19.72
N GLU B 195 -19.64 11.68 20.09
CA GLU B 195 -20.64 12.63 19.53
C GLU B 195 -19.93 13.51 18.49
N ALA B 196 -20.56 13.70 17.32
CA ALA B 196 -20.04 14.51 16.19
C ALA B 196 -21.12 15.50 15.74
N THR B 197 -20.81 16.80 15.79
CA THR B 197 -21.69 17.91 15.32
C THR B 197 -21.13 18.47 14.01
N HIS B 198 -22.02 18.81 13.07
CA HIS B 198 -21.70 19.13 11.65
C HIS B 198 -22.69 20.17 11.12
N SER B 201 -26.16 23.40 11.92
CA SER B 201 -25.38 22.22 12.38
C SER B 201 -26.19 21.38 13.37
N THR B 202 -27.51 21.63 13.48
CA THR B 202 -28.39 21.12 14.58
C THR B 202 -28.85 19.69 14.25
N SER B 203 -27.93 18.73 14.31
CA SER B 203 -28.17 17.28 14.10
C SER B 203 -26.97 16.46 14.55
N PRO B 204 -26.76 16.26 15.88
CA PRO B 204 -25.56 15.59 16.39
C PRO B 204 -25.62 14.06 16.24
N ILE B 205 -24.76 13.50 15.39
CA ILE B 205 -24.62 12.03 15.16
C ILE B 205 -23.87 11.42 16.35
N VAL B 206 -24.49 10.47 17.05
CA VAL B 206 -23.99 9.85 18.31
C VAL B 206 -23.83 8.35 18.11
N LYS B 207 -22.60 7.84 18.11
CA LYS B 207 -22.30 6.39 18.27
C LYS B 207 -21.66 6.17 19.65
N SER B 208 -21.95 5.02 20.28
CA SER B 208 -21.62 4.73 21.70
C SER B 208 -21.62 3.22 21.96
N PHE B 209 -21.05 2.80 23.10
CA PHE B 209 -21.04 1.41 23.61
C PHE B 209 -20.95 1.45 25.15
N ASN B 210 -21.32 0.34 25.83
CA ASN B 210 -21.00 0.13 27.27
C ASN B 210 -20.19 -1.17 27.39
N ARG B 211 -19.40 -1.32 28.45
CA ARG B 211 -18.47 -2.46 28.68
C ARG B 211 -19.23 -3.79 28.75
N ASP C 3 25.52 41.69 -21.71
CA ASP C 3 25.50 42.14 -20.29
C ASP C 3 24.19 42.89 -20.02
N SER C 4 23.46 42.49 -18.98
CA SER C 4 22.19 43.14 -18.51
C SER C 4 22.52 44.27 -17.52
N TYR C 5 23.72 44.25 -16.94
CA TYR C 5 24.20 45.20 -15.89
C TYR C 5 23.26 45.15 -14.68
N PHE C 6 22.54 44.02 -14.53
CA PHE C 6 21.62 43.75 -13.40
C PHE C 6 22.00 42.42 -12.74
N SER C 7 21.92 42.38 -11.42
CA SER C 7 22.28 41.23 -10.55
C SER C 7 21.42 41.27 -9.28
N TRP C 8 20.62 40.22 -9.05
CA TRP C 8 19.75 40.06 -7.85
C TRP C 8 20.61 40.05 -6.58
N SER C 9 21.72 39.32 -6.58
CA SER C 9 22.64 39.20 -5.42
C SER C 9 23.19 40.58 -5.04
N ASP C 10 23.55 41.41 -6.03
CA ASP C 10 24.09 42.78 -5.83
C ASP C 10 22.99 43.72 -5.35
N TRP C 11 21.83 43.67 -6.01
CA TRP C 11 20.63 44.52 -5.77
C TRP C 11 20.11 44.28 -4.35
N TRP C 12 20.01 43.01 -3.92
CA TRP C 12 19.60 42.61 -2.55
C TRP C 12 20.71 42.89 -1.53
N SER C 13 21.99 42.76 -1.89
CA SER C 13 23.13 43.00 -0.97
C SER C 13 23.11 44.45 -0.46
N ASP D 3 20.89 -3.19 -40.22
CA ASP D 3 20.94 -2.27 -39.05
C ASP D 3 19.60 -1.53 -38.95
N SER D 4 18.97 -1.55 -37.77
CA SER D 4 17.69 -0.84 -37.46
C SER D 4 17.99 0.60 -36.98
N TYR D 5 19.23 0.84 -36.52
CA TYR D 5 19.68 2.13 -35.93
C TYR D 5 18.81 2.50 -34.73
N PHE D 6 18.15 1.50 -34.13
CA PHE D 6 17.32 1.62 -32.91
C PHE D 6 17.79 0.63 -31.85
N SER D 7 17.81 1.07 -30.60
CA SER D 7 18.28 0.28 -29.43
C SER D 7 17.53 0.76 -28.18
N TRP D 8 16.80 -0.15 -27.53
CA TRP D 8 16.05 0.10 -26.27
C TRP D 8 17.01 0.50 -25.16
N SER D 9 18.14 -0.20 -25.02
CA SER D 9 19.16 0.07 -23.98
C SER D 9 19.72 1.50 -24.14
N ASP D 10 19.96 1.94 -25.37
CA ASP D 10 20.49 3.30 -25.71
C ASP D 10 19.40 4.35 -25.44
N TRP D 11 18.19 4.10 -25.92
CA TRP D 11 17.06 5.06 -25.86
C TRP D 11 16.63 5.26 -24.40
N TRP D 12 16.55 4.18 -23.63
CA TRP D 12 16.43 4.23 -22.14
C TRP D 12 17.82 4.61 -21.61
N SER D 13 17.88 5.44 -20.56
CA SER D 13 19.17 5.93 -19.98
C SER D 13 19.95 6.72 -21.04
N LYS E 2 12.12 -24.26 -26.41
CA LYS E 2 13.27 -23.79 -27.23
C LYS E 2 13.96 -22.61 -26.51
N VAL E 3 13.32 -21.44 -26.49
CA VAL E 3 13.75 -20.24 -25.69
C VAL E 3 13.35 -20.49 -24.24
N GLN E 4 14.28 -20.31 -23.29
CA GLN E 4 14.03 -20.61 -21.87
C GLN E 4 14.91 -19.73 -20.97
N LEU E 5 14.32 -19.19 -19.91
CA LEU E 5 15.01 -18.47 -18.80
C LEU E 5 14.80 -19.27 -17.51
N GLN E 6 15.82 -20.00 -17.07
CA GLN E 6 15.77 -20.87 -15.86
C GLN E 6 16.32 -20.07 -14.67
N GLN E 7 15.48 -19.79 -13.68
CA GLN E 7 15.85 -19.03 -12.45
C GLN E 7 16.24 -20.00 -11.33
N SER E 8 16.98 -19.50 -10.34
CA SER E 8 17.45 -20.23 -9.14
C SER E 8 16.27 -20.58 -8.23
N GLY E 9 16.46 -21.56 -7.33
CA GLY E 9 15.42 -22.08 -6.42
C GLY E 9 15.14 -21.11 -5.28
N ALA E 10 14.11 -21.41 -4.48
CA ALA E 10 13.65 -20.58 -3.34
C ALA E 10 14.79 -20.41 -2.33
N GLU E 11 14.74 -19.34 -1.54
CA GLU E 11 15.81 -18.96 -0.57
C GLU E 11 15.15 -18.41 0.71
N LEU E 12 15.56 -18.93 1.86
CA LEU E 12 15.23 -18.40 3.21
C LEU E 12 16.49 -17.77 3.81
N VAL E 13 16.44 -16.49 4.17
CA VAL E 13 17.61 -15.69 4.64
C VAL E 13 17.19 -14.86 5.86
N LYS E 14 18.09 -14.72 6.84
CA LYS E 14 17.92 -13.91 8.07
C LYS E 14 17.86 -12.43 7.69
N PRO E 15 17.08 -11.59 8.41
CA PRO E 15 17.08 -10.14 8.18
C PRO E 15 18.50 -9.56 8.29
N GLY E 16 18.88 -8.67 7.36
CA GLY E 16 20.16 -7.93 7.36
C GLY E 16 21.18 -8.54 6.43
N ALA E 17 21.04 -9.84 6.10
CA ALA E 17 21.96 -10.59 5.21
C ALA E 17 21.76 -10.17 3.75
N SER E 18 22.54 -10.76 2.83
CA SER E 18 22.42 -10.61 1.36
C SER E 18 22.08 -11.95 0.71
N VAL E 19 21.54 -11.92 -0.51
CA VAL E 19 21.25 -13.10 -1.36
C VAL E 19 21.50 -12.72 -2.83
N LYS E 20 21.87 -13.69 -3.66
CA LYS E 20 22.17 -13.48 -5.09
C LYS E 20 21.30 -14.42 -5.94
N LEU E 21 20.23 -13.87 -6.53
CA LEU E 21 19.33 -14.58 -7.48
C LEU E 21 20.04 -14.66 -8.83
N SER E 22 19.78 -15.71 -9.62
CA SER E 22 20.34 -15.89 -10.98
C SER E 22 19.20 -16.14 -11.98
N CYS E 23 19.46 -15.80 -13.25
CA CYS E 23 18.58 -16.03 -14.42
C CYS E 23 19.44 -16.57 -15.57
N LYS E 24 19.41 -17.89 -15.79
CA LYS E 24 20.18 -18.60 -16.84
C LYS E 24 19.35 -18.63 -18.12
N ALA E 25 19.90 -18.10 -19.22
CA ALA E 25 19.22 -17.99 -20.53
C ALA E 25 19.75 -19.07 -21.48
N SER E 26 18.90 -19.54 -22.39
CA SER E 26 19.25 -20.56 -23.42
C SER E 26 18.23 -20.49 -24.56
N GLY E 27 18.62 -20.97 -25.74
CA GLY E 27 17.72 -21.11 -26.92
C GLY E 27 17.71 -19.87 -27.80
N TYR E 28 18.62 -18.92 -27.55
CA TYR E 28 18.72 -17.63 -28.28
C TYR E 28 20.09 -16.99 -28.03
N THR E 29 20.45 -16.01 -28.86
CA THR E 29 21.71 -15.22 -28.76
C THR E 29 21.64 -14.31 -27.52
N PHE E 30 22.39 -14.63 -26.47
CA PHE E 30 22.35 -13.99 -25.13
C PHE E 30 22.51 -12.45 -25.23
N THR E 31 23.33 -11.98 -26.18
CA THR E 31 23.78 -10.57 -26.32
C THR E 31 22.73 -9.71 -27.05
N GLU E 32 21.67 -10.32 -27.59
CA GLU E 32 20.67 -9.61 -28.43
C GLU E 32 19.47 -9.15 -27.60
N TYR E 33 19.35 -9.58 -26.34
CA TYR E 33 18.16 -9.36 -25.48
C TYR E 33 18.55 -8.75 -24.13
N ILE E 34 17.82 -7.71 -23.72
CA ILE E 34 17.84 -7.12 -22.36
C ILE E 34 17.17 -8.10 -21.40
N ILE E 35 17.63 -8.16 -20.15
CA ILE E 35 17.01 -8.96 -19.05
C ILE E 35 16.51 -8.00 -17.97
N HIS E 36 15.19 -7.80 -17.91
CA HIS E 36 14.49 -7.01 -16.87
C HIS E 36 14.28 -7.89 -15.64
N TRP E 37 14.31 -7.30 -14.44
CA TRP E 37 13.96 -7.94 -13.15
C TRP E 37 12.71 -7.27 -12.57
N VAL E 38 11.76 -8.08 -12.08
CA VAL E 38 10.43 -7.63 -11.60
C VAL E 38 10.14 -8.28 -10.24
N LYS E 39 9.48 -7.54 -9.33
CA LYS E 39 9.15 -7.97 -7.95
C LYS E 39 7.64 -8.10 -7.80
N GLN E 40 7.18 -9.15 -7.12
CA GLN E 40 5.74 -9.39 -6.80
C GLN E 40 5.62 -10.05 -5.42
N LYS E 41 4.96 -9.37 -4.48
CA LYS E 41 4.71 -9.86 -3.10
C LYS E 41 3.22 -10.26 -2.97
N SER E 42 2.94 -11.22 -2.08
CA SER E 42 1.58 -11.66 -1.66
C SER E 42 0.69 -11.85 -2.89
N GLY E 43 -0.47 -11.20 -2.92
CA GLY E 43 -1.36 -11.12 -4.11
C GLY E 43 -1.29 -9.73 -4.74
N GLN E 44 -0.18 -9.01 -4.55
CA GLN E 44 0.03 -7.62 -5.04
C GLN E 44 0.44 -7.66 -6.51
N GLY E 45 0.52 -6.47 -7.12
CA GLY E 45 0.92 -6.30 -8.52
C GLY E 45 2.42 -6.38 -8.70
N LEU E 46 2.89 -6.03 -9.89
CA LEU E 46 4.30 -6.16 -10.34
C LEU E 46 5.01 -4.81 -10.15
N GLU E 47 6.34 -4.85 -9.96
CA GLU E 47 7.20 -3.66 -9.76
C GLU E 47 8.54 -3.88 -10.47
N TRP E 48 8.90 -2.99 -11.40
CA TRP E 48 10.17 -3.06 -12.16
C TRP E 48 11.34 -2.66 -11.23
N ILE E 49 12.41 -3.46 -11.20
CA ILE E 49 13.62 -3.22 -10.37
C ILE E 49 14.68 -2.53 -11.23
N GLY E 50 15.05 -3.15 -12.35
CA GLY E 50 16.10 -2.67 -13.27
C GLY E 50 16.31 -3.65 -14.41
N TRP E 51 17.26 -3.37 -15.30
CA TRP E 51 17.64 -4.30 -16.40
C TRP E 51 19.16 -4.31 -16.61
N PHE E 52 19.65 -5.39 -17.22
CA PHE E 52 21.05 -5.60 -17.66
C PHE E 52 21.03 -6.06 -19.12
N TYR E 53 21.68 -5.32 -20.01
CA TYR E 53 21.84 -5.67 -21.44
C TYR E 53 23.26 -6.23 -21.66
N PRO E 54 23.41 -7.56 -21.83
CA PRO E 54 24.72 -8.17 -22.00
C PRO E 54 25.40 -7.87 -23.35
N GLY E 55 24.67 -7.29 -24.31
CA GLY E 55 25.21 -6.82 -25.60
C GLY E 55 26.28 -5.76 -25.42
N SER E 56 25.99 -4.72 -24.61
CA SER E 56 26.87 -3.55 -24.36
C SER E 56 27.45 -3.57 -22.94
N GLY E 57 26.85 -4.32 -22.01
CA GLY E 57 27.21 -4.32 -20.58
C GLY E 57 26.50 -3.22 -19.81
N ASN E 58 25.63 -2.47 -20.48
CA ASN E 58 24.87 -1.32 -19.93
C ASN E 58 23.87 -1.81 -18.87
N ILE E 59 23.65 -1.00 -17.83
CA ILE E 59 22.76 -1.31 -16.67
C ILE E 59 21.88 -0.09 -16.37
N LYS E 60 20.65 -0.32 -15.89
CA LYS E 60 19.72 0.74 -15.45
C LYS E 60 18.87 0.24 -14.28
N TYR E 61 18.69 1.07 -13.25
CA TYR E 61 17.92 0.76 -12.03
C TYR E 61 16.73 1.73 -11.90
N ASN E 62 15.63 1.21 -11.35
CA ASN E 62 14.59 2.02 -10.65
C ASN E 62 15.29 2.72 -9.48
N GLU E 63 15.08 4.03 -9.32
CA GLU E 63 15.69 4.85 -8.23
C GLU E 63 15.47 4.17 -6.89
N LYS E 64 14.28 3.59 -6.67
CA LYS E 64 13.88 2.86 -5.44
C LYS E 64 14.92 1.80 -5.06
N PHE E 65 15.43 1.05 -6.04
CA PHE E 65 16.26 -0.17 -5.84
C PHE E 65 17.75 0.14 -6.05
N LYS E 66 18.12 1.42 -6.12
CA LYS E 66 19.52 1.91 -6.27
C LYS E 66 20.45 1.22 -5.28
N ASP E 67 20.12 1.30 -3.98
CA ASP E 67 21.02 0.91 -2.86
C ASP E 67 20.58 -0.45 -2.28
N LYS E 68 19.75 -1.19 -3.04
CA LYS E 68 19.18 -2.50 -2.66
C LYS E 68 19.72 -3.59 -3.59
N ALA E 69 19.56 -3.39 -4.90
CA ALA E 69 19.84 -4.38 -5.97
C ALA E 69 21.14 -4.04 -6.69
N THR E 70 21.90 -5.07 -7.07
CA THR E 70 23.10 -4.98 -7.93
C THR E 70 23.01 -6.03 -9.04
N LEU E 71 22.96 -5.59 -10.30
CA LEU E 71 22.84 -6.45 -11.50
C LEU E 71 24.24 -6.69 -12.06
N THR E 72 24.56 -7.94 -12.36
CA THR E 72 25.81 -8.38 -13.02
C THR E 72 25.49 -9.56 -13.95
N ALA E 73 26.44 -9.98 -14.77
CA ALA E 73 26.24 -11.08 -15.76
C ALA E 73 27.56 -11.84 -15.97
N ASP E 74 27.42 -13.10 -16.42
CA ASP E 74 28.54 -13.97 -16.84
C ASP E 74 28.22 -14.46 -18.26
N LYS E 75 28.79 -13.82 -19.28
CA LYS E 75 28.49 -14.09 -20.71
C LYS E 75 28.82 -15.55 -21.05
N SER E 76 29.85 -16.12 -20.41
CA SER E 76 30.37 -17.49 -20.70
C SER E 76 29.40 -18.58 -20.20
N SER E 77 28.41 -18.22 -19.37
CA SER E 77 27.36 -19.16 -18.86
C SER E 77 25.95 -18.67 -19.20
N SER E 78 25.80 -17.61 -20.01
CA SER E 78 24.49 -17.02 -20.42
C SER E 78 23.61 -16.77 -19.18
N THR E 79 24.16 -16.12 -18.15
CA THR E 79 23.48 -15.92 -16.84
C THR E 79 23.59 -14.44 -16.42
N VAL E 80 22.47 -13.87 -15.97
CA VAL E 80 22.40 -12.52 -15.33
C VAL E 80 22.05 -12.73 -13.85
N TYR E 81 22.74 -12.02 -12.96
CA TYR E 81 22.58 -12.11 -11.49
C TYR E 81 21.92 -10.82 -10.97
N MET E 82 21.14 -10.95 -9.90
CA MET E 82 20.66 -9.82 -9.07
C MET E 82 21.04 -10.11 -7.62
N GLU E 83 21.87 -9.26 -7.02
CA GLU E 83 22.26 -9.33 -5.60
C GLU E 83 21.42 -8.32 -4.81
N LEU E 84 20.69 -8.79 -3.80
CA LEU E 84 19.89 -7.93 -2.87
C LEU E 84 20.62 -7.88 -1.53
N SER E 85 20.82 -6.67 -0.99
CA SER E 85 21.62 -6.40 0.25
C SER E 85 20.72 -5.83 1.34
N ARG E 86 21.06 -6.11 2.60
CA ARG E 86 20.43 -5.54 3.82
C ARG E 86 18.94 -5.92 3.82
N LEU E 87 18.66 -7.22 3.68
CA LEU E 87 17.30 -7.79 3.46
C LEU E 87 16.42 -7.52 4.69
N THR E 88 15.17 -7.11 4.47
CA THR E 88 14.10 -7.00 5.50
C THR E 88 12.89 -7.82 5.04
N SER E 89 11.83 -7.84 5.84
CA SER E 89 10.54 -8.53 5.53
C SER E 89 9.88 -7.89 4.29
N GLU E 90 10.20 -6.63 3.99
CA GLU E 90 9.69 -5.88 2.80
C GLU E 90 10.21 -6.54 1.51
N ASP E 91 11.38 -7.17 1.56
CA ASP E 91 12.06 -7.80 0.39
C ASP E 91 11.57 -9.24 0.18
N SER E 92 10.76 -9.79 1.09
CA SER E 92 10.11 -11.11 0.93
C SER E 92 9.09 -11.01 -0.21
N ALA E 93 9.33 -11.73 -1.31
CA ALA E 93 8.54 -11.64 -2.56
C ALA E 93 9.00 -12.72 -3.55
N VAL E 94 8.27 -12.86 -4.66
CA VAL E 94 8.71 -13.63 -5.86
C VAL E 94 9.37 -12.62 -6.82
N TYR E 95 10.51 -13.01 -7.40
CA TYR E 95 11.31 -12.19 -8.34
C TYR E 95 11.41 -12.92 -9.68
N PHE E 96 10.87 -12.29 -10.74
CA PHE E 96 10.90 -12.80 -12.14
C PHE E 96 11.98 -12.08 -12.94
N CYS E 97 12.64 -12.79 -13.85
CA CYS E 97 13.43 -12.20 -14.96
C CYS E 97 12.62 -12.37 -16.26
N ALA E 98 12.85 -11.50 -17.24
CA ALA E 98 12.14 -11.48 -18.53
C ALA E 98 13.05 -10.88 -19.60
N ARG E 99 13.03 -11.44 -20.82
CA ARG E 99 13.89 -10.99 -21.94
C ARG E 99 13.10 -10.02 -22.83
N HIS E 100 13.83 -9.13 -23.52
CA HIS E 100 13.28 -8.01 -24.33
C HIS E 100 14.32 -7.66 -25.42
N GLU E 101 13.99 -7.96 -26.68
CA GLU E 101 14.86 -7.79 -27.87
C GLU E 101 15.28 -6.32 -27.98
N ASP E 102 16.59 -6.05 -27.96
CA ASP E 102 17.14 -4.68 -27.81
C ASP E 102 16.91 -3.86 -29.09
N ARG E 103 17.15 -4.46 -30.26
CA ARG E 103 17.32 -3.72 -31.54
C ARG E 103 16.01 -3.65 -32.34
N ASN E 104 14.86 -3.93 -31.70
CA ASN E 104 13.53 -3.96 -32.36
C ASN E 104 12.54 -3.14 -31.53
N TYR E 105 12.05 -2.02 -32.07
CA TYR E 105 11.05 -1.14 -31.42
C TYR E 105 9.76 -1.92 -31.12
N TYR E 106 9.43 -2.91 -31.96
CA TYR E 106 8.14 -3.65 -31.93
C TYR E 106 8.23 -4.87 -31.01
N SER E 107 9.38 -5.06 -30.34
CA SER E 107 9.58 -6.16 -29.37
C SER E 107 8.81 -5.86 -28.08
N TYR E 108 8.39 -6.92 -27.39
CA TYR E 108 7.80 -6.89 -26.03
C TYR E 108 8.50 -7.93 -25.15
N TRP E 109 8.11 -8.05 -23.88
CA TRP E 109 8.71 -9.00 -22.91
C TRP E 109 8.13 -10.39 -23.16
N ASP E 110 8.70 -11.12 -24.13
CA ASP E 110 8.04 -12.26 -24.84
C ASP E 110 8.24 -13.58 -24.10
N TYR E 111 9.30 -13.72 -23.30
CA TYR E 111 9.59 -14.95 -22.48
C TYR E 111 10.00 -14.54 -21.07
N TRP E 112 9.48 -15.26 -20.07
CA TRP E 112 9.67 -14.99 -18.62
C TRP E 112 10.27 -16.21 -17.91
N GLY E 113 10.98 -15.97 -16.82
CA GLY E 113 11.44 -17.02 -15.88
C GLY E 113 10.28 -17.56 -15.06
N GLN E 114 10.49 -18.69 -14.37
CA GLN E 114 9.47 -19.37 -13.54
C GLN E 114 9.26 -18.58 -12.24
N GLY E 115 10.24 -17.75 -11.87
CA GLY E 115 10.22 -16.96 -10.62
C GLY E 115 11.08 -17.62 -9.55
N THR E 116 11.61 -16.81 -8.63
CA THR E 116 12.35 -17.23 -7.41
C THR E 116 11.66 -16.62 -6.19
N THR E 117 11.23 -17.45 -5.25
CA THR E 117 10.58 -17.01 -3.98
C THR E 117 11.66 -16.74 -2.94
N LEU E 118 11.76 -15.51 -2.44
CA LEU E 118 12.64 -15.11 -1.32
C LEU E 118 11.79 -14.89 -0.06
N THR E 119 12.21 -15.46 1.06
CA THR E 119 11.60 -15.28 2.41
C THR E 119 12.68 -14.71 3.35
N VAL E 120 12.39 -13.57 3.99
CA VAL E 120 13.29 -12.90 4.96
C VAL E 120 12.62 -12.95 6.33
N SER E 121 13.20 -13.71 7.27
CA SER E 121 12.56 -14.11 8.56
C SER E 121 13.62 -14.70 9.50
N SER E 122 13.49 -14.42 10.80
CA SER E 122 14.34 -14.97 11.89
C SER E 122 13.93 -16.41 12.22
N ALA E 123 12.68 -16.76 11.93
CA ALA E 123 12.04 -18.07 12.26
C ALA E 123 12.87 -19.24 11.71
N LYS E 124 12.93 -20.35 12.46
CA LYS E 124 13.75 -21.54 12.13
C LYS E 124 12.91 -22.52 11.30
N THR E 125 13.56 -23.30 10.44
CA THR E 125 12.93 -24.35 9.61
C THR E 125 12.29 -25.38 10.56
N THR E 126 10.98 -25.61 10.43
CA THR E 126 10.16 -26.51 11.28
C THR E 126 9.37 -27.46 10.39
N PRO E 127 9.51 -28.80 10.56
CA PRO E 127 8.75 -29.76 9.75
C PRO E 127 7.29 -29.84 10.22
N PRO E 128 6.35 -30.20 9.33
CA PRO E 128 4.93 -30.21 9.68
C PRO E 128 4.51 -31.45 10.48
N SER E 129 3.56 -31.28 11.40
CA SER E 129 2.75 -32.39 11.99
C SER E 129 1.56 -32.65 11.07
N VAL E 130 1.45 -33.86 10.53
CA VAL E 130 0.32 -34.30 9.66
C VAL E 130 -0.66 -35.12 10.51
N TYR E 131 -1.94 -34.70 10.56
CA TYR E 131 -3.04 -35.39 11.29
C TYR E 131 -4.14 -35.76 10.31
N PRO E 132 -4.62 -37.02 10.28
CA PRO E 132 -5.69 -37.43 9.37
C PRO E 132 -7.06 -36.99 9.90
N LEU E 133 -7.99 -36.63 9.00
CA LEU E 133 -9.37 -36.20 9.34
C LEU E 133 -10.38 -37.22 8.76
N ALA E 134 -10.94 -38.07 9.62
CA ALA E 134 -11.99 -39.07 9.29
C ALA E 134 -13.32 -38.66 9.92
N PRO E 135 -14.45 -38.75 9.17
CA PRO E 135 -15.72 -38.21 9.65
C PRO E 135 -16.34 -39.02 10.79
N GLY E 136 -17.10 -38.35 11.68
CA GLY E 136 -17.71 -38.95 12.89
C GLY E 136 -19.07 -39.58 12.61
N SER E 137 -19.06 -40.86 12.19
CA SER E 137 -20.25 -41.70 11.85
C SER E 137 -20.83 -41.27 10.49
N ALA E 138 -20.28 -41.82 9.40
CA ALA E 138 -20.61 -41.47 8.00
C ALA E 138 -21.66 -42.43 7.44
N ALA E 139 -22.59 -41.89 6.64
CA ALA E 139 -23.66 -42.62 5.93
C ALA E 139 -23.75 -42.09 4.50
N GLN E 140 -24.36 -42.84 3.58
CA GLN E 140 -24.57 -42.44 2.16
C GLN E 140 -25.72 -41.42 2.08
N THR E 141 -25.53 -40.26 2.73
CA THR E 141 -26.54 -39.16 2.84
C THR E 141 -26.69 -38.46 1.47
N ASN E 142 -25.57 -38.39 0.72
CA ASN E 142 -25.53 -37.93 -0.70
C ASN E 142 -24.82 -38.99 -1.58
N SER E 143 -24.27 -40.05 -0.96
CA SER E 143 -23.63 -41.21 -1.62
C SER E 143 -22.16 -40.89 -1.99
N MET E 144 -21.65 -39.76 -1.48
CA MET E 144 -20.28 -39.24 -1.76
C MET E 144 -19.68 -38.73 -0.45
N VAL E 145 -18.57 -39.32 0.01
CA VAL E 145 -17.95 -39.04 1.35
C VAL E 145 -16.74 -38.12 1.18
N THR E 146 -16.44 -37.32 2.21
CA THR E 146 -15.33 -36.34 2.22
C THR E 146 -14.33 -36.72 3.34
N LEU E 147 -13.07 -36.87 2.97
CA LEU E 147 -11.92 -37.04 3.90
C LEU E 147 -11.07 -35.77 3.89
N GLY E 148 -10.03 -35.70 4.72
CA GLY E 148 -9.04 -34.61 4.73
C GLY E 148 -7.86 -34.95 5.61
N CYS E 149 -6.84 -34.09 5.61
CA CYS E 149 -5.72 -34.16 6.60
C CYS E 149 -5.16 -32.75 6.85
N LEU E 150 -4.84 -32.49 8.11
CA LEU E 150 -4.38 -31.17 8.64
C LEU E 150 -2.85 -31.18 8.70
N VAL E 151 -2.21 -30.16 8.13
CA VAL E 151 -0.73 -29.97 8.12
C VAL E 151 -0.41 -28.76 9.01
N LYS E 152 0.08 -28.99 10.23
CA LYS E 152 0.16 -27.96 11.30
C LYS E 152 1.62 -27.70 11.71
N GLY E 153 1.96 -26.42 11.92
CA GLY E 153 3.16 -25.96 12.64
C GLY E 153 4.45 -26.17 11.84
N TYR E 154 4.50 -25.70 10.59
CA TYR E 154 5.69 -25.82 9.70
C TYR E 154 6.17 -24.43 9.25
N PHE E 155 7.42 -24.37 8.78
CA PHE E 155 8.07 -23.16 8.20
C PHE E 155 9.33 -23.58 7.44
N PRO E 156 9.64 -22.97 6.28
CA PRO E 156 8.74 -22.02 5.61
C PRO E 156 7.77 -22.73 4.65
N GLU E 157 7.09 -21.96 3.79
CA GLU E 157 6.34 -22.50 2.64
C GLU E 157 7.36 -22.89 1.57
N PRO E 158 7.03 -23.83 0.64
CA PRO E 158 5.73 -24.49 0.58
C PRO E 158 5.73 -25.93 1.11
N VAL E 159 4.55 -26.57 1.09
CA VAL E 159 4.35 -28.03 1.27
C VAL E 159 3.59 -28.55 0.05
N THR E 160 3.86 -29.80 -0.35
CA THR E 160 3.13 -30.54 -1.42
C THR E 160 2.21 -31.57 -0.77
N VAL E 161 0.90 -31.47 -1.03
CA VAL E 161 -0.12 -32.44 -0.55
C VAL E 161 -0.67 -33.19 -1.77
N THR E 162 -0.55 -34.51 -1.77
CA THR E 162 -1.14 -35.41 -2.80
C THR E 162 -2.03 -36.44 -2.08
N TRP E 163 -2.86 -37.14 -2.84
CA TRP E 163 -3.79 -38.20 -2.34
C TRP E 163 -3.57 -39.50 -3.13
N ASN E 164 -3.16 -40.57 -2.44
CA ASN E 164 -2.78 -41.88 -3.03
C ASN E 164 -1.70 -41.64 -4.09
N SER E 165 -0.72 -40.79 -3.77
CA SER E 165 0.48 -40.48 -4.59
C SER E 165 0.08 -39.89 -5.95
N GLY E 166 -1.02 -39.13 -6.00
CA GLY E 166 -1.48 -38.42 -7.22
C GLY E 166 -2.67 -39.09 -7.89
N SER E 167 -2.92 -40.37 -7.59
CA SER E 167 -4.03 -41.19 -8.16
C SER E 167 -5.35 -40.42 -8.08
N LEU E 168 -5.71 -39.96 -6.87
CA LEU E 168 -6.88 -39.08 -6.63
C LEU E 168 -6.48 -37.64 -6.96
N SER E 169 -6.85 -37.17 -8.16
CA SER E 169 -6.57 -35.81 -8.68
C SER E 169 -7.80 -34.91 -8.47
N SER E 170 -8.91 -35.19 -9.14
CA SER E 170 -10.17 -34.41 -9.08
C SER E 170 -10.87 -34.68 -7.75
N GLY E 171 -11.75 -33.76 -7.32
CA GLY E 171 -12.46 -33.80 -6.03
C GLY E 171 -11.55 -33.41 -4.87
N VAL E 172 -10.41 -32.77 -5.15
CA VAL E 172 -9.39 -32.34 -4.15
C VAL E 172 -9.46 -30.82 -3.98
N HIS E 173 -9.32 -30.33 -2.75
CA HIS E 173 -9.31 -28.90 -2.37
C HIS E 173 -8.24 -28.67 -1.30
N THR E 174 -7.00 -28.38 -1.72
CA THR E 174 -5.88 -27.94 -0.87
C THR E 174 -6.00 -26.44 -0.66
N PHE E 175 -6.14 -25.99 0.60
CA PHE E 175 -6.39 -24.58 0.96
C PHE E 175 -5.05 -23.88 1.22
N PRO E 176 -4.97 -22.55 1.06
CA PRO E 176 -3.75 -21.82 1.41
C PRO E 176 -3.52 -21.82 2.93
N ALA E 177 -2.26 -21.77 3.34
CA ALA E 177 -1.84 -21.76 4.76
C ALA E 177 -2.18 -20.40 5.40
N VAL E 178 -2.17 -20.34 6.73
CA VAL E 178 -2.24 -19.09 7.55
C VAL E 178 -1.11 -19.14 8.58
N LEU E 179 -0.88 -18.04 9.31
CA LEU E 179 0.19 -17.95 10.36
C LEU E 179 -0.42 -18.10 11.75
N GLN E 180 -0.02 -19.15 12.48
CA GLN E 180 -0.22 -19.25 13.95
C GLN E 180 1.14 -19.01 14.61
N SER E 181 1.27 -17.90 15.36
CA SER E 181 2.56 -17.35 15.86
C SER E 181 3.49 -17.13 14.66
N ASP E 182 4.56 -17.92 14.52
CA ASP E 182 5.57 -17.81 13.43
C ASP E 182 5.54 -19.07 12.56
N LEU E 183 4.54 -19.92 12.71
CA LEU E 183 4.40 -21.21 11.96
C LEU E 183 3.17 -21.17 11.07
N TYR E 184 3.17 -21.99 10.03
CA TYR E 184 2.08 -22.15 9.03
C TYR E 184 1.22 -23.37 9.37
N THR E 185 -0.10 -23.24 9.19
CA THR E 185 -1.10 -24.33 9.32
C THR E 185 -1.92 -24.39 8.02
N LEU E 186 -1.98 -25.56 7.39
CA LEU E 186 -2.66 -25.81 6.09
C LEU E 186 -3.60 -27.00 6.24
N SER E 187 -4.65 -27.05 5.43
CA SER E 187 -5.65 -28.15 5.39
C SER E 187 -5.91 -28.55 3.93
N SER E 188 -6.12 -29.84 3.68
CA SER E 188 -6.54 -30.40 2.37
C SER E 188 -7.71 -31.36 2.56
N SER E 189 -8.68 -31.31 1.65
CA SER E 189 -9.87 -32.22 1.61
C SER E 189 -9.86 -33.00 0.30
N VAL E 190 -10.45 -34.20 0.31
CA VAL E 190 -10.68 -35.05 -0.88
C VAL E 190 -12.08 -35.67 -0.77
N THR E 191 -12.81 -35.72 -1.88
CA THR E 191 -14.18 -36.30 -1.97
C THR E 191 -14.14 -37.53 -2.87
N VAL E 192 -14.60 -38.68 -2.37
CA VAL E 192 -14.65 -39.99 -3.08
C VAL E 192 -16.05 -40.58 -2.93
N PRO E 193 -16.48 -41.48 -3.84
CA PRO E 193 -17.76 -42.17 -3.69
C PRO E 193 -17.82 -43.02 -2.41
N SER E 194 -18.97 -43.03 -1.72
CA SER E 194 -19.24 -43.83 -0.50
C SER E 194 -19.33 -45.30 -0.96
N SER E 195 -18.30 -46.09 -0.67
CA SER E 195 -18.07 -47.48 -1.16
C SER E 195 -16.64 -47.61 -1.65
N THR E 196 -16.06 -46.54 -2.23
CA THR E 196 -14.59 -46.42 -2.48
C THR E 196 -13.85 -46.56 -1.16
N TRP E 197 -14.26 -45.75 -0.17
CA TRP E 197 -13.72 -45.71 1.21
C TRP E 197 -14.80 -46.14 2.20
N PRO E 198 -14.50 -46.97 3.21
CA PRO E 198 -13.14 -47.38 3.55
C PRO E 198 -12.58 -48.62 2.83
N SER E 199 -13.36 -49.21 1.91
CA SER E 199 -13.02 -50.44 1.14
C SER E 199 -11.58 -50.36 0.61
N GLU E 200 -11.27 -49.31 -0.16
CA GLU E 200 -9.91 -49.01 -0.68
C GLU E 200 -9.27 -47.95 0.21
N THR E 201 -8.04 -48.19 0.70
CA THR E 201 -7.32 -47.30 1.65
C THR E 201 -6.96 -45.99 0.95
N VAL E 202 -7.29 -44.85 1.58
CA VAL E 202 -6.99 -43.48 1.09
C VAL E 202 -5.88 -42.90 1.98
N THR E 203 -4.80 -42.40 1.37
CA THR E 203 -3.60 -41.85 2.05
C THR E 203 -3.32 -40.43 1.54
N CYS E 204 -3.14 -39.48 2.45
CA CYS E 204 -2.69 -38.10 2.14
C CYS E 204 -1.16 -38.04 2.30
N ASN E 205 -0.46 -37.59 1.26
CA ASN E 205 1.03 -37.50 1.21
C ASN E 205 1.43 -36.03 1.32
N VAL E 206 2.11 -35.66 2.41
CA VAL E 206 2.64 -34.30 2.67
C VAL E 206 4.16 -34.35 2.55
N ALA E 207 4.75 -33.39 1.82
CA ALA E 207 6.22 -33.25 1.64
C ALA E 207 6.63 -31.80 1.93
N HIS E 208 7.73 -31.61 2.65
CA HIS E 208 8.32 -30.28 3.00
C HIS E 208 9.75 -30.24 2.49
N PRO E 209 10.03 -29.55 1.36
CA PRO E 209 11.38 -29.46 0.83
C PRO E 209 12.37 -28.95 1.89
N ALA E 210 12.07 -27.81 2.52
CA ALA E 210 12.95 -27.04 3.42
C ALA E 210 13.51 -27.93 4.54
N SER E 211 12.68 -28.77 5.16
CA SER E 211 13.06 -29.69 6.26
C SER E 211 13.35 -31.09 5.71
N SER E 212 13.37 -31.25 4.39
CA SER E 212 13.56 -32.53 3.66
C SER E 212 12.83 -33.67 4.38
N THR E 213 11.53 -33.51 4.63
CA THR E 213 10.64 -34.53 5.25
C THR E 213 9.52 -34.90 4.26
N LYS E 214 9.15 -36.18 4.23
CA LYS E 214 7.98 -36.74 3.53
C LYS E 214 7.24 -37.69 4.50
N VAL E 215 5.91 -37.57 4.57
CA VAL E 215 5.04 -38.34 5.51
C VAL E 215 3.75 -38.76 4.80
N ASP E 216 3.34 -40.01 5.00
CA ASP E 216 2.05 -40.59 4.52
C ASP E 216 1.20 -40.92 5.73
N LYS E 217 -0.08 -40.51 5.72
CA LYS E 217 -1.08 -40.86 6.77
C LYS E 217 -2.29 -41.52 6.11
N LYS E 218 -2.56 -42.77 6.45
CA LYS E 218 -3.80 -43.49 6.03
C LYS E 218 -4.98 -42.92 6.83
N ILE E 219 -6.07 -42.58 6.14
CA ILE E 219 -7.33 -42.10 6.77
C ILE E 219 -8.09 -43.34 7.28
N VAL E 220 -8.08 -43.56 8.60
CA VAL E 220 -8.71 -44.74 9.27
C VAL E 220 -10.05 -44.32 9.85
N PRO E 221 -11.15 -45.10 9.63
CA PRO E 221 -12.46 -44.72 10.15
C PRO E 221 -12.53 -44.87 11.68
N ARG E 222 -13.41 -44.12 12.32
CA ARG E 222 -13.52 -43.98 13.80
C ARG E 222 -14.64 -44.90 14.33
N GLN F 2 8.47 7.94 -10.32
CA GLN F 2 7.07 8.20 -9.88
C GLN F 2 6.20 8.61 -11.07
N ILE F 3 5.31 7.71 -11.50
CA ILE F 3 4.19 7.99 -12.46
C ILE F 3 3.20 6.83 -12.33
N VAL F 4 1.97 7.16 -11.91
CA VAL F 4 1.03 6.22 -11.24
C VAL F 4 -0.04 5.80 -12.26
N LEU F 5 -0.21 4.48 -12.41
CA LEU F 5 -1.25 3.86 -13.27
C LEU F 5 -2.35 3.31 -12.38
N THR F 6 -3.59 3.78 -12.57
CA THR F 6 -4.78 3.40 -11.77
C THR F 6 -5.66 2.49 -12.64
N GLN F 7 -5.75 1.21 -12.29
CA GLN F 7 -6.58 0.20 -12.98
C GLN F 7 -7.92 0.08 -12.24
N SER F 8 -9.02 0.27 -12.97
CA SER F 8 -10.41 0.12 -12.45
C SER F 8 -11.23 -0.77 -13.37
N PRO F 9 -12.16 -1.60 -12.82
CA PRO F 9 -12.23 -1.84 -11.39
C PRO F 9 -11.11 -2.80 -10.94
N ALA F 10 -10.81 -2.84 -9.63
CA ALA F 10 -9.80 -3.73 -9.03
C ALA F 10 -10.30 -5.18 -9.07
N LEU F 11 -11.62 -5.35 -8.89
CA LEU F 11 -12.32 -6.67 -8.92
C LEU F 11 -13.52 -6.55 -9.86
N MET F 12 -13.77 -7.56 -10.69
CA MET F 12 -15.02 -7.65 -11.51
C MET F 12 -15.26 -9.11 -11.91
N SER F 13 -16.54 -9.43 -12.16
CA SER F 13 -17.05 -10.77 -12.57
C SER F 13 -17.82 -10.66 -13.89
N ALA F 14 -17.84 -11.74 -14.67
CA ALA F 14 -18.55 -11.84 -15.97
C ALA F 14 -18.89 -13.30 -16.26
N SER F 15 -20.08 -13.54 -16.82
CA SER F 15 -20.53 -14.86 -17.32
C SER F 15 -19.91 -15.08 -18.70
N PRO F 16 -19.61 -16.33 -19.12
CA PRO F 16 -19.18 -16.59 -20.50
C PRO F 16 -20.15 -15.98 -21.51
N GLY F 17 -19.63 -15.22 -22.47
CA GLY F 17 -20.42 -14.53 -23.51
C GLY F 17 -20.48 -13.02 -23.29
N GLU F 18 -20.33 -12.58 -22.04
CA GLU F 18 -20.44 -11.17 -21.60
C GLU F 18 -19.23 -10.38 -22.12
N LYS F 19 -19.43 -9.13 -22.53
CA LYS F 19 -18.35 -8.19 -22.94
C LYS F 19 -17.70 -7.63 -21.68
N VAL F 20 -16.36 -7.53 -21.67
CA VAL F 20 -15.56 -7.08 -20.50
C VAL F 20 -14.66 -5.92 -20.95
N THR F 21 -14.90 -4.71 -20.44
CA THR F 21 -14.05 -3.52 -20.66
C THR F 21 -13.48 -3.09 -19.31
N MET F 22 -12.19 -2.73 -19.31
CA MET F 22 -11.32 -2.62 -18.11
C MET F 22 -10.29 -1.53 -18.43
N THR F 23 -10.14 -0.53 -17.57
CA THR F 23 -9.44 0.74 -17.88
C THR F 23 -8.10 0.80 -17.12
N CYS F 24 -7.12 1.49 -17.72
CA CYS F 24 -5.83 1.91 -17.11
C CYS F 24 -5.73 3.42 -17.27
N SER F 25 -5.57 4.15 -16.15
CA SER F 25 -5.57 5.63 -16.09
C SER F 25 -4.20 6.13 -15.59
N ALA F 26 -3.56 7.04 -16.33
CA ALA F 26 -2.18 7.50 -16.07
C ALA F 26 -2.20 8.87 -15.39
N SER F 27 -1.32 9.08 -14.42
CA SER F 27 -1.12 10.36 -13.68
C SER F 27 -0.47 11.40 -14.60
N SER F 28 0.28 10.96 -15.62
CA SER F 28 0.90 11.81 -16.67
C SER F 28 0.61 11.18 -18.04
N SER F 29 0.94 11.89 -19.13
CA SER F 29 0.78 11.37 -20.52
C SER F 29 1.81 10.26 -20.76
N VAL F 30 1.39 9.18 -21.43
CA VAL F 30 2.26 8.05 -21.87
C VAL F 30 1.99 7.78 -23.36
N SER F 31 3.04 7.44 -24.11
CA SER F 31 3.03 7.29 -25.58
C SER F 31 2.24 6.03 -25.98
N ASN F 32 2.39 4.95 -25.23
CA ASN F 32 1.74 3.63 -25.49
C ASN F 32 1.56 2.87 -24.17
N MET F 33 0.67 1.87 -24.17
CA MET F 33 0.43 0.98 -23.00
C MET F 33 0.71 -0.47 -23.40
N TYR F 34 1.26 -1.25 -22.46
CA TYR F 34 1.50 -2.71 -22.56
C TYR F 34 0.59 -3.39 -21.54
N TRP F 35 0.04 -4.57 -21.87
CA TRP F 35 -0.84 -5.35 -20.95
C TRP F 35 -0.27 -6.77 -20.76
N TYR F 36 -0.49 -7.34 -19.59
CA TYR F 36 -0.06 -8.71 -19.20
C TYR F 36 -1.24 -9.46 -18.56
N GLN F 37 -1.29 -10.78 -18.76
CA GLN F 37 -2.19 -11.71 -18.04
C GLN F 37 -1.33 -12.55 -17.08
N GLN F 38 -1.76 -12.69 -15.83
CA GLN F 38 -1.15 -13.60 -14.82
C GLN F 38 -2.25 -14.39 -14.10
N LYS F 39 -2.02 -15.69 -13.94
CA LYS F 39 -2.89 -16.63 -13.18
C LYS F 39 -2.11 -17.13 -11.96
N PRO F 40 -2.79 -17.57 -10.88
CA PRO F 40 -2.11 -17.98 -9.66
C PRO F 40 -1.01 -19.03 -9.86
N ARG F 41 0.14 -18.84 -9.22
CA ARG F 41 1.33 -19.74 -9.23
C ARG F 41 1.80 -19.96 -10.67
N SER F 42 2.06 -18.87 -11.40
CA SER F 42 2.61 -18.85 -12.78
C SER F 42 3.07 -17.43 -13.13
N SER F 43 4.15 -17.31 -13.90
CA SER F 43 4.76 -16.02 -14.28
C SER F 43 3.83 -15.27 -15.24
N PRO F 44 3.87 -13.92 -15.24
CA PRO F 44 3.04 -13.12 -16.15
C PRO F 44 3.30 -13.45 -17.62
N LYS F 45 2.28 -13.33 -18.45
CA LYS F 45 2.33 -13.55 -19.92
C LYS F 45 2.06 -12.24 -20.64
N PRO F 46 2.85 -11.88 -21.66
CA PRO F 46 2.57 -10.69 -22.47
C PRO F 46 1.25 -10.88 -23.22
N TRP F 47 0.40 -9.85 -23.23
CA TRP F 47 -0.96 -9.93 -23.81
C TRP F 47 -1.13 -8.89 -24.92
N ILE F 48 -0.91 -7.61 -24.59
CA ILE F 48 -0.96 -6.48 -25.57
C ILE F 48 0.37 -5.73 -25.49
N TYR F 49 0.83 -5.22 -26.64
CA TYR F 49 2.00 -4.33 -26.76
C TYR F 49 1.64 -3.18 -27.72
N LEU F 50 2.29 -2.03 -27.53
CA LEU F 50 2.05 -0.78 -28.30
C LEU F 50 0.53 -0.54 -28.43
N THR F 51 -0.16 -0.56 -27.28
CA THR F 51 -1.54 -0.05 -27.05
C THR F 51 -2.59 -1.06 -27.54
N SER F 52 -2.50 -1.53 -28.79
CA SER F 52 -3.58 -2.28 -29.47
C SER F 52 -3.08 -3.50 -30.26
N ASN F 53 -1.81 -3.89 -30.14
CA ASN F 53 -1.24 -5.04 -30.88
C ASN F 53 -1.23 -6.27 -29.96
N LEU F 54 -1.93 -7.34 -30.37
CA LEU F 54 -2.01 -8.63 -29.63
C LEU F 54 -0.65 -9.33 -29.70
N ALA F 55 -0.19 -9.89 -28.59
CA ALA F 55 0.99 -10.78 -28.51
C ALA F 55 0.64 -12.11 -29.20
N SER F 56 1.64 -12.85 -29.69
CA SER F 56 1.42 -14.10 -30.47
C SER F 56 0.69 -15.11 -29.59
N GLY F 57 -0.41 -15.69 -30.10
CA GLY F 57 -1.21 -16.73 -29.42
C GLY F 57 -2.37 -16.16 -28.63
N VAL F 58 -2.52 -14.84 -28.57
CA VAL F 58 -3.65 -14.16 -27.87
C VAL F 58 -4.87 -14.17 -28.79
N PRO F 59 -6.00 -14.79 -28.38
CA PRO F 59 -7.20 -14.85 -29.23
C PRO F 59 -7.76 -13.49 -29.67
N ALA F 60 -8.49 -13.48 -30.80
CA ALA F 60 -8.99 -12.30 -31.53
C ALA F 60 -10.05 -11.53 -30.71
N ARG F 61 -10.68 -12.18 -29.73
CA ARG F 61 -11.76 -11.55 -28.90
C ARG F 61 -11.17 -10.41 -28.05
N PHE F 62 -9.85 -10.42 -27.82
CA PHE F 62 -9.12 -9.38 -27.06
C PHE F 62 -8.77 -8.21 -28.00
N SER F 63 -8.76 -7.00 -27.45
CA SER F 63 -8.38 -5.75 -28.14
C SER F 63 -7.97 -4.69 -27.11
N GLY F 64 -7.05 -3.80 -27.51
CA GLY F 64 -6.55 -2.68 -26.69
C GLY F 64 -6.82 -1.36 -27.37
N SER F 65 -6.90 -0.27 -26.60
CA SER F 65 -7.28 1.08 -27.09
C SER F 65 -6.72 2.14 -26.14
N GLY F 66 -6.71 3.40 -26.60
CA GLY F 66 -6.44 4.58 -25.76
C GLY F 66 -5.30 5.43 -26.27
N SER F 67 -5.08 6.58 -25.62
CA SER F 67 -3.98 7.53 -25.91
C SER F 67 -3.80 8.48 -24.70
N GLY F 68 -2.66 9.15 -24.64
CA GLY F 68 -2.35 10.15 -23.59
C GLY F 68 -2.44 9.57 -22.19
N THR F 69 -3.60 9.70 -21.56
CA THR F 69 -3.80 9.49 -20.10
C THR F 69 -4.82 8.38 -19.80
N SER F 70 -5.53 7.87 -20.82
CA SER F 70 -6.64 6.90 -20.67
C SER F 70 -6.50 5.77 -21.68
N TYR F 71 -6.29 4.54 -21.19
CA TYR F 71 -6.16 3.30 -22.01
C TYR F 71 -7.14 2.25 -21.47
N SER F 72 -7.53 1.30 -22.33
CA SER F 72 -8.48 0.21 -21.98
C SER F 72 -8.10 -1.09 -22.68
N LEU F 73 -8.36 -2.22 -22.03
CA LEU F 73 -8.36 -3.59 -22.61
C LEU F 73 -9.80 -4.08 -22.66
N THR F 74 -10.21 -4.71 -23.77
CA THR F 74 -11.61 -5.17 -23.98
C THR F 74 -11.63 -6.62 -24.47
N ILE F 75 -12.56 -7.41 -23.91
CA ILE F 75 -12.88 -8.80 -24.34
C ILE F 75 -14.31 -8.78 -24.89
N SER F 76 -14.47 -9.07 -26.19
CA SER F 76 -15.77 -9.05 -26.91
C SER F 76 -16.72 -10.06 -26.25
N SER F 77 -16.27 -11.31 -26.11
CA SER F 77 -17.03 -12.45 -25.53
C SER F 77 -16.17 -13.19 -24.51
N MET F 78 -16.48 -12.99 -23.22
CA MET F 78 -15.80 -13.63 -22.05
C MET F 78 -15.76 -15.15 -22.22
N GLU F 79 -14.62 -15.77 -21.88
CA GLU F 79 -14.45 -17.24 -21.81
C GLU F 79 -13.86 -17.59 -20.44
N ALA F 80 -14.09 -18.83 -19.99
CA ALA F 80 -13.66 -19.38 -18.68
C ALA F 80 -12.15 -19.21 -18.50
N GLU F 81 -11.37 -19.46 -19.57
CA GLU F 81 -9.88 -19.46 -19.52
C GLU F 81 -9.36 -18.02 -19.35
N ASP F 82 -10.20 -17.01 -19.59
CA ASP F 82 -9.82 -15.56 -19.52
C ASP F 82 -9.83 -15.07 -18.06
N ALA F 83 -10.35 -15.88 -17.12
CA ALA F 83 -10.34 -15.58 -15.66
C ALA F 83 -8.89 -15.52 -15.18
N ALA F 84 -8.43 -14.32 -14.82
CA ALA F 84 -7.03 -14.03 -14.42
C ALA F 84 -6.94 -12.60 -13.90
N THR F 85 -5.72 -12.18 -13.53
CA THR F 85 -5.40 -10.77 -13.20
C THR F 85 -4.68 -10.15 -14.39
N TYR F 86 -5.10 -8.94 -14.81
CA TYR F 86 -4.55 -8.19 -15.97
C TYR F 86 -3.87 -6.90 -15.45
N TYR F 87 -2.61 -6.70 -15.84
CA TYR F 87 -1.77 -5.53 -15.46
C TYR F 87 -1.48 -4.69 -16.70
N CYS F 88 -1.50 -3.35 -16.56
CA CYS F 88 -0.98 -2.40 -17.59
C CYS F 88 0.42 -1.95 -17.17
N GLN F 89 1.24 -1.52 -18.13
CA GLN F 89 2.62 -1.03 -17.92
C GLN F 89 2.93 0.06 -18.96
N GLN F 90 3.69 1.09 -18.56
CA GLN F 90 4.14 2.19 -19.45
C GLN F 90 5.67 2.16 -19.55
N TRP F 91 6.22 2.51 -20.71
CA TRP F 91 7.68 2.55 -21.01
C TRP F 91 8.14 4.00 -21.25
N SER F 92 7.21 4.96 -21.29
CA SER F 92 7.41 6.38 -21.71
C SER F 92 8.35 7.12 -20.75
N SER F 93 8.15 6.91 -19.44
CA SER F 93 8.77 7.68 -18.33
C SER F 93 9.49 6.71 -17.39
N ASN F 94 10.77 6.95 -17.11
CA ASN F 94 11.58 6.12 -16.18
C ASN F 94 11.37 6.66 -14.76
N PRO F 95 11.06 5.79 -13.76
CA PRO F 95 11.08 4.34 -13.93
C PRO F 95 9.83 3.77 -14.62
N LEU F 96 9.98 2.57 -15.21
CA LEU F 96 8.88 1.74 -15.76
C LEU F 96 7.94 1.38 -14.60
N THR F 97 6.64 1.58 -14.77
CA THR F 97 5.62 1.37 -13.71
C THR F 97 4.50 0.47 -14.22
N PHE F 98 3.91 -0.31 -13.33
CA PHE F 98 2.74 -1.19 -13.58
C PHE F 98 1.51 -0.63 -12.85
N GLY F 99 0.33 -1.08 -13.24
CA GLY F 99 -0.91 -0.87 -12.49
C GLY F 99 -1.03 -1.85 -11.34
N ALA F 100 -2.03 -1.67 -10.48
CA ALA F 100 -2.29 -2.52 -9.30
C ALA F 100 -2.88 -3.87 -9.74
N GLY F 101 -3.45 -3.91 -10.95
CA GLY F 101 -4.13 -5.09 -11.53
C GLY F 101 -5.64 -4.92 -11.55
N THR F 102 -6.30 -5.56 -12.51
CA THR F 102 -7.76 -5.83 -12.54
C THR F 102 -7.95 -7.34 -12.47
N LYS F 103 -8.58 -7.86 -11.41
CA LYS F 103 -8.82 -9.32 -11.25
C LYS F 103 -10.22 -9.66 -11.80
N LEU F 104 -10.26 -10.52 -12.82
CA LEU F 104 -11.48 -10.94 -13.53
C LEU F 104 -11.85 -12.36 -13.08
N GLU F 105 -13.05 -12.52 -12.51
CA GLU F 105 -13.61 -13.82 -12.06
C GLU F 105 -14.85 -14.15 -12.89
N LEU F 106 -15.40 -15.35 -12.74
CA LEU F 106 -16.55 -15.88 -13.52
C LEU F 106 -17.83 -15.82 -12.67
N LYS F 107 -18.95 -15.48 -13.32
CA LYS F 107 -20.32 -15.70 -12.79
C LYS F 107 -20.74 -17.14 -13.12
N ARG F 108 -21.75 -17.65 -12.41
CA ARG F 108 -22.36 -18.98 -12.66
C ARG F 108 -23.64 -19.12 -11.83
N ALA F 109 -24.43 -20.16 -12.09
CA ALA F 109 -25.62 -20.54 -11.29
C ALA F 109 -25.22 -20.65 -9.82
N ASP F 110 -26.08 -20.17 -8.91
CA ASP F 110 -25.89 -20.30 -7.44
C ASP F 110 -25.71 -21.77 -7.08
N ALA F 111 -24.90 -22.06 -6.07
CA ALA F 111 -24.63 -23.42 -5.53
C ALA F 111 -24.51 -23.36 -4.00
N ALA F 112 -25.17 -24.27 -3.30
CA ALA F 112 -25.11 -24.40 -1.82
C ALA F 112 -23.84 -25.18 -1.46
N PRO F 113 -23.20 -24.88 -0.31
CA PRO F 113 -21.97 -25.58 0.08
C PRO F 113 -22.22 -27.00 0.59
N THR F 114 -21.37 -27.95 0.18
CA THR F 114 -21.25 -29.30 0.78
C THR F 114 -20.43 -29.16 2.08
N VAL F 115 -21.09 -29.16 3.23
CA VAL F 115 -20.46 -28.98 4.57
C VAL F 115 -20.11 -30.35 5.15
N SER F 116 -18.92 -30.51 5.72
CA SER F 116 -18.49 -31.70 6.50
C SER F 116 -17.67 -31.25 7.72
N ILE F 117 -17.95 -31.82 8.90
CA ILE F 117 -17.26 -31.50 10.18
C ILE F 117 -16.45 -32.71 10.63
N PHE F 118 -15.30 -32.49 11.26
CA PHE F 118 -14.32 -33.54 11.67
C PHE F 118 -13.86 -33.29 13.10
N PRO F 119 -13.98 -34.28 13.99
CA PRO F 119 -13.36 -34.21 15.32
C PRO F 119 -11.85 -34.19 15.24
N PRO F 120 -11.13 -33.83 16.33
CA PRO F 120 -9.67 -33.94 16.36
C PRO F 120 -9.21 -35.39 16.18
N SER F 121 -8.04 -35.59 15.56
CA SER F 121 -7.39 -36.92 15.42
C SER F 121 -6.87 -37.36 16.79
N SER F 122 -6.84 -38.68 17.03
CA SER F 122 -6.21 -39.31 18.22
C SER F 122 -4.73 -38.88 18.28
N GLU F 123 -4.03 -38.90 17.14
CA GLU F 123 -2.61 -38.50 17.00
C GLU F 123 -2.38 -37.11 17.61
N GLN F 124 -3.26 -36.16 17.33
CA GLN F 124 -3.16 -34.75 17.81
C GLN F 124 -3.52 -34.69 19.30
N LEU F 125 -4.55 -35.42 19.72
CA LEU F 125 -5.05 -35.41 21.12
C LEU F 125 -3.98 -36.00 22.06
N THR F 126 -3.29 -37.06 21.64
CA THR F 126 -2.13 -37.66 22.36
C THR F 126 -1.03 -36.60 22.47
N SER F 127 -0.77 -35.84 21.40
CA SER F 127 -0.02 -34.55 21.43
C SER F 127 -0.82 -33.54 22.27
N GLY F 128 -0.33 -32.30 22.43
CA GLY F 128 -0.91 -31.31 23.35
C GLY F 128 -2.28 -30.80 22.93
N GLY F 129 -2.56 -30.74 21.62
CA GLY F 129 -3.60 -29.85 21.06
C GLY F 129 -4.89 -30.58 20.69
N ALA F 130 -5.85 -29.84 20.14
CA ALA F 130 -7.16 -30.32 19.63
C ALA F 130 -7.77 -29.28 18.67
N SER F 131 -7.68 -29.52 17.36
CA SER F 131 -8.32 -28.69 16.30
C SER F 131 -9.54 -29.43 15.73
N VAL F 132 -10.67 -28.73 15.63
CA VAL F 132 -11.92 -29.22 14.98
C VAL F 132 -12.04 -28.53 13.61
N VAL F 133 -12.08 -29.32 12.54
CA VAL F 133 -12.04 -28.83 11.12
C VAL F 133 -13.44 -28.95 10.51
N CYS F 134 -13.83 -27.96 9.70
CA CYS F 134 -15.09 -27.91 8.94
C CYS F 134 -14.81 -27.39 7.52
N PHE F 135 -15.11 -28.22 6.50
CA PHE F 135 -15.02 -27.87 5.06
C PHE F 135 -16.40 -27.45 4.54
N LEU F 136 -16.45 -26.39 3.74
CA LEU F 136 -17.67 -25.91 3.01
C LEU F 136 -17.30 -25.80 1.53
N ASN F 137 -17.55 -26.86 0.75
CA ASN F 137 -16.94 -27.08 -0.58
C ASN F 137 -17.98 -26.83 -1.69
N ASN F 138 -17.54 -26.13 -2.75
CA ASN F 138 -18.21 -26.02 -4.07
C ASN F 138 -19.53 -25.24 -3.95
N PHE F 139 -19.44 -23.95 -3.60
CA PHE F 139 -20.60 -23.03 -3.48
C PHE F 139 -20.36 -21.77 -4.32
N TYR F 140 -21.45 -21.07 -4.64
CA TYR F 140 -21.47 -19.75 -5.32
C TYR F 140 -22.75 -19.01 -4.93
N PRO F 141 -22.72 -17.70 -4.62
CA PRO F 141 -21.49 -16.88 -4.65
C PRO F 141 -20.62 -17.07 -3.40
N LYS F 142 -19.54 -16.30 -3.29
CA LYS F 142 -18.56 -16.38 -2.17
C LYS F 142 -19.14 -15.75 -0.90
N ASP F 143 -20.11 -14.84 -1.03
CA ASP F 143 -20.82 -14.21 0.12
C ASP F 143 -21.47 -15.32 0.97
N ILE F 144 -20.93 -15.57 2.16
CA ILE F 144 -21.33 -16.68 3.08
C ILE F 144 -21.03 -16.26 4.53
N ASN F 145 -21.68 -16.92 5.50
CA ASN F 145 -21.47 -16.72 6.96
C ASN F 145 -21.30 -18.10 7.61
N VAL F 146 -20.23 -18.29 8.38
CA VAL F 146 -19.92 -19.56 9.13
C VAL F 146 -19.80 -19.21 10.61
N LYS F 147 -20.55 -19.91 11.47
CA LYS F 147 -20.51 -19.77 12.94
C LYS F 147 -20.23 -21.14 13.56
N TRP F 148 -19.42 -21.17 14.63
CA TRP F 148 -19.14 -22.37 15.46
C TRP F 148 -19.96 -22.28 16.75
N LYS F 149 -20.53 -23.40 17.19
CA LYS F 149 -21.25 -23.53 18.48
C LYS F 149 -20.65 -24.68 19.29
N ILE F 150 -20.41 -24.45 20.58
CA ILE F 150 -20.00 -25.49 21.58
C ILE F 150 -21.07 -25.56 22.68
N ASP F 151 -21.76 -26.70 22.77
CA ASP F 151 -22.82 -26.98 23.79
C ASP F 151 -23.83 -25.83 23.81
N GLY F 152 -24.33 -25.45 22.62
CA GLY F 152 -25.41 -24.45 22.45
C GLY F 152 -24.89 -23.08 22.07
N SER F 153 -23.91 -22.55 22.81
CA SER F 153 -23.39 -21.16 22.69
C SER F 153 -22.32 -21.09 21.61
N GLU F 154 -22.27 -19.97 20.87
CA GLU F 154 -21.35 -19.74 19.72
C GLU F 154 -19.94 -19.42 20.24
N ARG F 155 -18.92 -19.65 19.41
CA ARG F 155 -17.51 -19.24 19.65
C ARG F 155 -16.99 -18.45 18.45
N GLN F 156 -16.20 -17.39 18.71
CA GLN F 156 -15.55 -16.54 17.68
C GLN F 156 -14.02 -16.57 17.86
N ASN F 157 -13.53 -17.00 19.02
CA ASN F 157 -12.09 -16.97 19.40
C ASN F 157 -11.43 -18.27 18.96
N GLY F 158 -10.15 -18.22 18.54
CA GLY F 158 -9.34 -19.39 18.14
C GLY F 158 -9.82 -20.05 16.85
N VAL F 159 -10.64 -19.35 16.06
CA VAL F 159 -11.12 -19.80 14.71
C VAL F 159 -10.21 -19.17 13.65
N LEU F 160 -9.97 -19.87 12.54
CA LEU F 160 -9.21 -19.36 11.37
C LEU F 160 -9.81 -19.94 10.09
N ASN F 161 -10.12 -19.07 9.13
CA ASN F 161 -10.77 -19.45 7.83
C ASN F 161 -9.75 -19.31 6.70
N SER F 162 -9.89 -20.14 5.68
CA SER F 162 -9.02 -20.19 4.47
C SER F 162 -9.88 -20.48 3.24
N TRP F 163 -9.69 -19.70 2.17
CA TRP F 163 -10.44 -19.81 0.90
C TRP F 163 -9.53 -20.33 -0.21
N THR F 164 -10.09 -21.13 -1.12
CA THR F 164 -9.44 -21.50 -2.41
C THR F 164 -9.71 -20.40 -3.43
N ASP F 165 -8.89 -20.34 -4.47
CA ASP F 165 -9.16 -19.56 -5.71
C ASP F 165 -10.41 -20.16 -6.36
N GLN F 166 -11.17 -19.36 -7.10
CA GLN F 166 -12.33 -19.85 -7.89
C GLN F 166 -11.84 -21.02 -8.75
N ASP F 167 -12.63 -22.10 -8.83
CA ASP F 167 -12.24 -23.35 -9.51
C ASP F 167 -12.33 -23.15 -11.02
N SER F 168 -11.27 -23.54 -11.75
CA SER F 168 -11.15 -23.40 -13.23
C SER F 168 -12.12 -24.38 -13.91
N LYS F 169 -12.46 -25.49 -13.24
CA LYS F 169 -13.39 -26.54 -13.73
C LYS F 169 -14.85 -26.09 -13.50
N ASP F 170 -15.26 -25.86 -12.24
CA ASP F 170 -16.71 -25.71 -11.92
C ASP F 170 -17.04 -24.27 -11.51
N SER F 171 -16.06 -23.35 -11.44
CA SER F 171 -16.25 -21.90 -11.17
C SER F 171 -16.80 -21.66 -9.75
N THR F 172 -16.61 -22.61 -8.84
CA THR F 172 -17.12 -22.54 -7.44
C THR F 172 -15.98 -22.17 -6.47
N TYR F 173 -16.35 -21.74 -5.26
CA TYR F 173 -15.42 -21.44 -4.14
C TYR F 173 -15.58 -22.54 -3.08
N SER F 174 -14.47 -22.80 -2.36
CA SER F 174 -14.41 -23.70 -1.19
C SER F 174 -13.75 -22.96 -0.02
N MET F 175 -14.20 -23.22 1.20
CA MET F 175 -13.65 -22.60 2.44
C MET F 175 -13.36 -23.69 3.47
N SER F 176 -12.29 -23.49 4.24
CA SER F 176 -11.85 -24.34 5.38
C SER F 176 -11.83 -23.49 6.65
N SER F 177 -12.71 -23.80 7.61
CA SER F 177 -12.80 -23.13 8.93
C SER F 177 -12.28 -24.09 10.00
N THR F 178 -11.30 -23.65 10.81
CA THR F 178 -10.59 -24.49 11.81
C THR F 178 -10.66 -23.83 13.19
N LEU F 179 -11.31 -24.51 14.14
CA LEU F 179 -11.43 -24.08 15.55
C LEU F 179 -10.38 -24.83 16.38
N THR F 180 -9.43 -24.12 16.97
CA THR F 180 -8.26 -24.71 17.69
C THR F 180 -8.42 -24.47 19.19
N LEU F 181 -8.65 -25.55 19.96
CA LEU F 181 -8.79 -25.54 21.43
C LEU F 181 -7.55 -26.20 22.05
N THR F 182 -7.41 -26.13 23.38
CA THR F 182 -6.48 -26.98 24.15
C THR F 182 -7.18 -28.32 24.38
N LYS F 183 -6.42 -29.42 24.43
CA LYS F 183 -6.94 -30.79 24.67
C LYS F 183 -7.95 -30.77 25.82
N ASP F 184 -7.60 -30.08 26.92
CA ASP F 184 -8.38 -30.02 28.19
C ASP F 184 -9.70 -29.26 27.95
N GLU F 185 -9.67 -28.19 27.15
CA GLU F 185 -10.87 -27.38 26.80
C GLU F 185 -11.81 -28.23 25.93
N TYR F 186 -11.25 -28.94 24.95
CA TYR F 186 -12.01 -29.82 24.02
C TYR F 186 -12.80 -30.88 24.80
N GLU F 187 -12.14 -31.54 25.76
CA GLU F 187 -12.66 -32.74 26.46
C GLU F 187 -13.58 -32.35 27.63
N ARG F 188 -13.82 -31.05 27.86
CA ARG F 188 -14.75 -30.57 28.92
C ARG F 188 -16.11 -30.19 28.31
N HIS F 189 -16.27 -30.34 26.99
CA HIS F 189 -17.53 -30.07 26.25
C HIS F 189 -17.90 -31.28 25.40
N ASN F 190 -19.17 -31.37 24.97
CA ASN F 190 -19.76 -32.60 24.38
C ASN F 190 -20.08 -32.36 22.90
N SER F 191 -20.90 -31.36 22.59
CA SER F 191 -21.47 -31.11 21.23
C SER F 191 -20.74 -29.96 20.53
N TYR F 192 -20.22 -30.21 19.32
CA TYR F 192 -19.54 -29.23 18.43
C TYR F 192 -20.31 -29.11 17.11
N THR F 193 -20.79 -27.91 16.79
CA THR F 193 -21.61 -27.63 15.59
C THR F 193 -20.90 -26.62 14.69
N CYS F 194 -20.84 -26.92 13.38
CA CYS F 194 -20.38 -26.02 12.29
C CYS F 194 -21.61 -25.56 11.50
N GLU F 195 -22.10 -24.35 11.78
CA GLU F 195 -23.33 -23.76 11.17
C GLU F 195 -22.91 -22.82 10.05
N ALA F 196 -23.56 -22.93 8.88
CA ALA F 196 -23.27 -22.12 7.67
C ALA F 196 -24.58 -21.57 7.09
N THR F 197 -24.69 -20.24 6.98
CA THR F 197 -25.84 -19.54 6.32
C THR F 197 -25.36 -19.01 4.96
N HIS F 198 -26.20 -19.13 3.93
CA HIS F 198 -25.93 -18.78 2.52
C HIS F 198 -27.26 -18.34 1.90
N LYS F 199 -27.25 -17.59 0.79
CA LYS F 199 -28.47 -17.45 -0.05
C LYS F 199 -28.74 -18.84 -0.65
N THR F 200 -29.99 -19.11 -1.07
CA THR F 200 -30.44 -20.40 -1.65
C THR F 200 -30.83 -21.39 -0.54
N SER F 201 -31.13 -20.90 0.67
CA SER F 201 -31.64 -21.73 1.81
C SER F 201 -32.04 -20.83 3.00
N THR F 202 -33.34 -20.54 3.14
CA THR F 202 -33.95 -19.83 4.31
C THR F 202 -33.20 -20.24 5.58
N SER F 203 -33.30 -21.51 5.97
CA SER F 203 -32.70 -22.10 7.19
C SER F 203 -31.25 -22.51 6.91
N PRO F 204 -30.32 -22.30 7.88
CA PRO F 204 -28.90 -22.59 7.66
C PRO F 204 -28.54 -24.08 7.71
N ILE F 205 -27.53 -24.50 6.94
CA ILE F 205 -26.98 -25.89 6.92
C ILE F 205 -26.14 -26.10 8.19
N VAL F 206 -26.52 -27.09 9.00
CA VAL F 206 -25.89 -27.41 10.32
C VAL F 206 -25.33 -28.84 10.26
N LYS F 207 -24.00 -28.98 10.25
CA LYS F 207 -23.29 -30.26 10.46
C LYS F 207 -22.62 -30.19 11.84
N SER F 208 -22.66 -31.31 12.57
CA SER F 208 -22.28 -31.38 14.00
C SER F 208 -21.94 -32.83 14.39
N PHE F 209 -21.25 -32.98 15.52
CA PHE F 209 -20.92 -34.29 16.14
C PHE F 209 -20.89 -34.12 17.66
N ASN F 210 -21.08 -35.22 18.38
CA ASN F 210 -20.93 -35.30 19.86
C ASN F 210 -19.73 -36.19 20.17
N ARG F 211 -18.93 -35.80 21.15
CA ARG F 211 -17.71 -36.53 21.59
C ARG F 211 -18.14 -37.91 22.14
N ASN F 212 -19.45 -38.07 22.36
CA ASN F 212 -20.11 -39.25 22.97
C ASN F 212 -20.97 -39.98 21.91
N GLU F 213 -20.56 -39.96 20.64
CA GLU F 213 -21.30 -40.61 19.51
C GLU F 213 -20.33 -40.89 18.36
#